data_7ACG
#
_entry.id   7ACG
#
_cell.length_a   56.751
_cell.length_b   74.187
_cell.length_c   114.992
_cell.angle_alpha   90.000
_cell.angle_beta   102.732
_cell.angle_gamma   90.000
#
_symmetry.space_group_name_H-M   'C 1 2 1'
#
loop_
_entity.id
_entity.type
_entity.pdbx_description
1 polymer 'Alginate biosynthesis protein AlgE'
2 non-polymer '[(2~{S})-2,3-bis(oxidanyl)propyl] heptadec-9-enoate'
3 non-polymer 'PENTAETHYLENE GLYCOL'
4 non-polymer 'SULFATE ION'
5 non-polymer (HYDROXYETHYLOXY)TRI(ETHYLOXY)OCTANE
6 non-polymer 'CITRIC ACID'
7 non-polymer 2-(2-METHOXYETHOXY)ETHANOL
8 non-polymer 'SODIUM ION'
9 water water
#
_entity_poly.entity_id   1
_entity_poly.type   'polypeptide(L)'
_entity_poly.pdbx_seq_one_letter_code
;MGSSHHHHHHSSGLVPRGSHMANSGEAPKNFGLDVKITGESENDRDLGTAPGGTLNDIGIDLRPWAFGQWGDWSAYFMGQ
AVAATDTIETDTLQSDTDDGNNSRNDGREPDKSYLAAREFWVDYAGLTAYPGEHLRFGRQRLREDSGQWQDTNIEALNWS
FETTLLNAHAGVAQRFSEYRTDLDELAPEDKDRTHVFGDISTQWAPHHRIGVRIHHADDSGHLRRPGEEVDNLDKTYTGQ
LTWLGIEATGDAYNYRSSMPLNYWASATWLTGDRDNLTTTTVDDRRIATGKQSGDVNAFGVDLGLRWNIDEQWKAGVGYA
RGSGGGKDGEEQFQQTGLESNRSNFTGTRSRVHRFGEAFRGELSNLQAATLFGSWQLREDYDASLVYHKFWRVDDDSDIG
TSGINAALQPGEKDIGQELDLVVTKYFKQGLLPASMSQYVDEPSALIRFRGGLFKPGDAYGPGTDSTMHRAFVDFIWRF
;
_entity_poly.pdbx_strand_id   A
#
loop_
_chem_comp.id
_chem_comp.type
_chem_comp.name
_chem_comp.formula
1PE non-polymer 'PENTAETHYLENE GLYCOL' 'C10 H22 O6'
C8E non-polymer (HYDROXYETHYLOXY)TRI(ETHYLOXY)OCTANE 'C16 H34 O5'
CIT non-polymer 'CITRIC ACID' 'C6 H8 O7'
LH9 non-polymer '[(2~{S})-2,3-bis(oxidanyl)propyl] heptadec-9-enoate' 'C20 H38 O4'
NA non-polymer 'SODIUM ION' 'Na 1'
PG0 non-polymer 2-(2-METHOXYETHOXY)ETHANOL 'C5 H12 O3'
SO4 non-polymer 'SULFATE ION' 'O4 S -2'
#
# COMPACT_ATOMS: atom_id res chain seq x y z
N GLY A 2 -17.26 12.93 5.12
CA GLY A 2 -15.89 13.52 4.99
C GLY A 2 -14.77 12.57 5.35
N SER A 3 -13.62 13.15 5.74
CA SER A 3 -12.44 12.37 6.10
C SER A 3 -12.75 11.30 7.14
N SER A 4 -13.68 11.60 8.05
CA SER A 4 -13.98 10.73 9.18
C SER A 4 -14.71 9.47 8.77
N HIS A 5 -15.30 9.45 7.57
CA HIS A 5 -16.22 8.37 7.22
C HIS A 5 -15.45 7.05 7.17
N HIS A 6 -16.10 5.98 7.65
CA HIS A 6 -15.40 4.72 7.82
C HIS A 6 -14.93 4.10 6.51
N HIS A 7 -15.49 4.52 5.36
CA HIS A 7 -15.03 4.04 4.07
C HIS A 7 -14.23 5.09 3.31
N HIS A 8 -13.87 6.19 3.96
CA HIS A 8 -13.23 7.30 3.26
C HIS A 8 -11.98 6.86 2.51
N HIS A 9 -11.17 6.00 3.12
CA HIS A 9 -9.90 5.64 2.50
C HIS A 9 -10.01 4.49 1.50
N HIS A 10 -11.14 3.80 1.42
CA HIS A 10 -11.23 2.64 0.54
C HIS A 10 -11.01 3.08 -0.90
N SER A 11 -10.22 2.30 -1.65
CA SER A 11 -9.92 2.71 -3.01
C SER A 11 -11.16 2.64 -3.90
N SER A 12 -12.15 1.85 -3.50
CA SER A 12 -13.29 1.61 -4.38
C SER A 12 -14.00 2.91 -4.70
N GLY A 13 -14.11 3.81 -3.73
CA GLY A 13 -14.81 5.05 -3.94
C GLY A 13 -16.30 4.92 -4.19
N LEU A 14 -16.90 3.81 -3.75
CA LEU A 14 -18.30 3.54 -4.03
C LEU A 14 -19.17 4.04 -2.89
N VAL A 15 -20.46 4.20 -3.19
CA VAL A 15 -21.42 4.79 -2.28
C VAL A 15 -22.68 3.92 -2.33
N PRO A 16 -23.05 3.24 -1.24
CA PRO A 16 -24.25 2.41 -1.27
C PRO A 16 -25.49 3.25 -1.59
N ARG A 17 -26.38 2.67 -2.38
CA ARG A 17 -27.70 3.23 -2.57
C ARG A 17 -28.38 3.44 -1.22
N GLY A 18 -28.98 4.60 -1.05
CA GLY A 18 -29.71 4.89 0.16
C GLY A 18 -28.86 5.34 1.32
N SER A 19 -27.57 5.55 1.12
CA SER A 19 -26.69 5.99 2.18
C SER A 19 -26.74 7.52 2.27
N HIS A 20 -26.27 8.02 3.41
CA HIS A 20 -26.21 9.46 3.60
C HIS A 20 -25.26 10.11 2.59
N MET A 21 -24.19 9.41 2.22
N MET A 21 -24.19 9.40 2.22
CA MET A 21 -23.30 9.96 1.20
CA MET A 21 -23.29 9.96 1.20
C MET A 21 -23.97 10.03 -0.16
C MET A 21 -23.96 10.02 -0.16
N ALA A 22 -24.86 9.07 -0.46
CA ALA A 22 -25.58 9.10 -1.73
C ALA A 22 -26.64 10.21 -1.73
N ASN A 23 -27.31 10.42 -0.61
CA ASN A 23 -28.36 11.43 -0.51
C ASN A 23 -28.32 11.96 0.92
N SER A 24 -27.98 13.24 1.07
CA SER A 24 -27.76 13.81 2.39
C SER A 24 -29.03 13.84 3.25
N GLY A 25 -30.20 13.60 2.67
CA GLY A 25 -31.39 13.49 3.50
C GLY A 25 -31.51 12.17 4.23
N GLU A 26 -30.76 11.16 3.78
CA GLU A 26 -30.79 9.82 4.36
C GLU A 26 -30.00 9.78 5.66
N ALA A 27 -30.41 8.88 6.55
CA ALA A 27 -29.68 8.69 7.79
C ALA A 27 -28.36 7.96 7.50
N PRO A 28 -27.32 8.22 8.27
CA PRO A 28 -26.10 7.39 8.15
C PRO A 28 -26.45 5.93 8.29
N LYS A 29 -25.94 5.11 7.37
CA LYS A 29 -26.21 3.68 7.47
C LYS A 29 -25.56 3.13 8.72
N ASN A 30 -26.30 2.28 9.44
CA ASN A 30 -25.72 1.57 10.56
C ASN A 30 -25.10 0.24 10.16
N PHE A 31 -25.35 -0.23 8.95
CA PHE A 31 -24.66 -1.41 8.49
C PHE A 31 -24.69 -1.45 6.97
N GLY A 32 -23.89 -2.35 6.45
CA GLY A 32 -23.84 -2.58 5.02
C GLY A 32 -23.03 -3.81 4.73
N LEU A 33 -22.82 -4.02 3.44
CA LEU A 33 -22.10 -5.20 3.00
C LEU A 33 -21.35 -4.83 1.73
N ASP A 34 -20.05 -5.08 1.75
CA ASP A 34 -19.22 -5.00 0.57
C ASP A 34 -19.01 -6.42 0.04
N VAL A 35 -19.38 -6.64 -1.22
CA VAL A 35 -19.21 -7.93 -1.88
C VAL A 35 -18.14 -7.75 -2.95
N LYS A 36 -17.18 -8.67 -2.98
CA LYS A 36 -16.12 -8.64 -3.97
C LYS A 36 -16.00 -10.02 -4.57
N ILE A 37 -16.00 -10.10 -5.89
CA ILE A 37 -15.69 -11.33 -6.60
C ILE A 37 -14.49 -11.04 -7.48
N THR A 38 -13.44 -11.85 -7.33
CA THR A 38 -12.12 -11.61 -7.89
C THR A 38 -11.66 -12.87 -8.61
N GLY A 39 -11.13 -12.69 -9.81
CA GLY A 39 -10.36 -13.71 -10.50
C GLY A 39 -8.92 -13.21 -10.57
N GLU A 40 -7.97 -14.13 -10.46
CA GLU A 40 -6.57 -13.75 -10.55
C GLU A 40 -5.85 -14.71 -11.48
N SER A 41 -5.06 -14.16 -12.39
CA SER A 41 -4.17 -14.93 -13.24
C SER A 41 -2.76 -14.44 -12.92
N GLU A 42 -1.90 -15.36 -12.52
CA GLU A 42 -0.52 -15.01 -12.16
C GLU A 42 0.39 -16.09 -12.68
N ASN A 43 1.38 -15.70 -13.48
CA ASN A 43 2.33 -16.64 -14.07
C ASN A 43 3.49 -15.88 -14.70
N ASP A 44 4.74 -16.09 -14.23
CA ASP A 44 5.13 -16.96 -13.12
C ASP A 44 5.84 -16.07 -12.07
N ARG A 45 5.31 -16.05 -10.85
CA ARG A 45 5.90 -15.26 -9.78
C ARG A 45 7.40 -15.48 -9.62
N ASP A 46 7.88 -16.70 -9.87
CA ASP A 46 9.29 -17.01 -9.76
C ASP A 46 10.01 -17.03 -11.10
N LEU A 47 9.35 -16.56 -12.17
CA LEU A 47 9.94 -16.47 -13.51
C LEU A 47 10.36 -17.83 -14.05
N GLY A 48 9.73 -18.90 -13.57
CA GLY A 48 10.04 -20.23 -14.05
C GLY A 48 11.21 -20.89 -13.36
N THR A 49 11.77 -20.24 -12.34
CA THR A 49 12.93 -20.76 -11.62
C THR A 49 12.55 -21.67 -10.45
N ALA A 50 11.30 -22.11 -10.38
CA ALA A 50 10.85 -22.93 -9.27
C ALA A 50 9.54 -23.60 -9.66
N PRO A 51 9.13 -24.64 -8.94
CA PRO A 51 7.83 -25.26 -9.22
C PRO A 51 6.70 -24.35 -8.77
N GLY A 52 5.56 -24.47 -9.46
CA GLY A 52 4.44 -23.66 -9.10
C GLY A 52 4.76 -22.18 -9.21
N GLY A 53 4.10 -21.39 -8.35
CA GLY A 53 4.16 -19.95 -8.48
C GLY A 53 3.21 -19.40 -9.50
N THR A 54 2.10 -20.10 -9.76
CA THR A 54 1.13 -19.63 -10.74
C THR A 54 -0.28 -19.78 -10.18
N LEU A 55 -1.15 -18.88 -10.64
CA LEU A 55 -2.52 -18.83 -10.19
C LEU A 55 -3.43 -18.64 -11.39
N ASN A 56 -4.58 -19.31 -11.36
CA ASN A 56 -5.65 -19.08 -12.32
C ASN A 56 -6.93 -19.46 -11.57
N ASP A 57 -7.48 -18.50 -10.84
CA ASP A 57 -8.38 -18.87 -9.77
C ASP A 57 -9.32 -17.73 -9.47
N ILE A 58 -10.38 -18.08 -8.76
CA ILE A 58 -11.50 -17.18 -8.55
C ILE A 58 -11.90 -17.30 -7.08
N GLY A 59 -12.41 -16.21 -6.55
CA GLY A 59 -12.82 -16.18 -5.16
C GLY A 59 -13.90 -15.16 -4.96
N ILE A 60 -14.56 -15.27 -3.82
CA ILE A 60 -15.53 -14.27 -3.37
C ILE A 60 -15.14 -13.84 -1.97
N ASP A 61 -15.32 -12.56 -1.69
CA ASP A 61 -14.92 -11.91 -0.44
C ASP A 61 -16.13 -11.13 0.03
N LEU A 62 -16.66 -11.48 1.20
CA LEU A 62 -17.82 -10.84 1.79
C LEU A 62 -17.36 -10.05 3.00
N ARG A 63 -17.69 -8.76 3.03
CA ARG A 63 -17.24 -7.84 4.07
C ARG A 63 -18.41 -7.12 4.69
N PRO A 64 -19.10 -7.76 5.64
CA PRO A 64 -20.15 -7.05 6.37
C PRO A 64 -19.56 -6.05 7.33
N TRP A 65 -20.25 -4.92 7.50
CA TRP A 65 -19.81 -3.92 8.44
C TRP A 65 -20.98 -3.34 9.22
N ALA A 66 -20.63 -2.77 10.37
CA ALA A 66 -21.56 -2.17 11.30
C ALA A 66 -20.98 -0.87 11.79
N PHE A 67 -21.85 0.10 12.02
CA PHE A 67 -21.43 1.44 12.43
C PHE A 67 -22.48 2.02 13.36
N GLY A 68 -22.00 2.54 14.49
CA GLY A 68 -22.85 3.27 15.40
C GLY A 68 -22.25 4.63 15.70
N GLN A 69 -23.12 5.62 15.87
CA GLN A 69 -22.73 6.98 16.19
C GLN A 69 -23.65 7.49 17.29
N TRP A 70 -23.05 8.01 18.37
CA TRP A 70 -23.79 8.63 19.47
C TRP A 70 -23.08 9.94 19.80
N GLY A 71 -23.54 11.02 19.18
CA GLY A 71 -22.91 12.30 19.41
C GLY A 71 -21.46 12.23 18.96
N ASP A 72 -20.54 12.53 19.87
CA ASP A 72 -19.13 12.57 19.50
C ASP A 72 -18.50 11.19 19.44
N TRP A 73 -19.18 10.15 19.89
CA TRP A 73 -18.65 8.79 19.90
C TRP A 73 -19.18 8.03 18.69
N SER A 74 -18.32 7.22 18.09
CA SER A 74 -18.75 6.30 17.05
C SER A 74 -17.95 5.02 17.20
N ALA A 75 -18.46 3.97 16.56
CA ALA A 75 -17.82 2.66 16.61
C ALA A 75 -18.07 1.94 15.29
N TYR A 76 -17.12 1.10 14.92
CA TYR A 76 -17.15 0.46 13.60
C TYR A 76 -16.52 -0.91 13.68
N PHE A 77 -17.15 -1.85 12.98
CA PHE A 77 -16.64 -3.20 12.83
C PHE A 77 -16.81 -3.59 11.36
N MET A 78 -15.75 -4.15 10.77
CA MET A 78 -15.85 -4.81 9.49
C MET A 78 -15.21 -6.18 9.60
N GLY A 79 -15.96 -7.21 9.19
CA GLY A 79 -15.44 -8.55 9.08
C GLY A 79 -15.21 -8.92 7.62
N GLN A 80 -14.72 -10.14 7.45
CA GLN A 80 -14.33 -10.61 6.14
C GLN A 80 -14.44 -12.12 6.10
N ALA A 81 -15.08 -12.62 5.04
CA ALA A 81 -15.16 -14.04 4.76
C ALA A 81 -14.76 -14.26 3.32
N VAL A 82 -13.77 -15.11 3.11
CA VAL A 82 -13.23 -15.38 1.78
C VAL A 82 -13.39 -16.86 1.50
N ALA A 83 -13.83 -17.18 0.29
CA ALA A 83 -13.77 -18.54 -0.24
C ALA A 83 -13.21 -18.42 -1.65
N ALA A 84 -12.18 -19.21 -1.95
CA ALA A 84 -11.56 -19.15 -3.26
C ALA A 84 -11.07 -20.54 -3.65
N THR A 85 -10.80 -20.68 -4.95
CA THR A 85 -10.33 -21.95 -5.48
C THR A 85 -8.83 -22.15 -5.28
N ASP A 86 -8.10 -21.07 -5.03
CA ASP A 86 -6.70 -21.11 -4.62
C ASP A 86 -6.48 -19.84 -3.81
N THR A 87 -5.25 -19.62 -3.36
CA THR A 87 -4.99 -18.52 -2.43
C THR A 87 -4.65 -17.25 -3.21
N ILE A 88 -5.70 -16.67 -3.80
CA ILE A 88 -5.58 -15.45 -4.60
C ILE A 88 -5.62 -14.22 -3.70
N GLU A 89 -5.21 -13.09 -4.24
CA GLU A 89 -5.26 -11.82 -3.52
C GLU A 89 -6.64 -11.20 -3.73
N THR A 90 -7.52 -11.33 -2.74
CA THR A 90 -8.75 -10.56 -2.80
C THR A 90 -8.61 -9.22 -2.09
N ASP A 91 -7.46 -8.94 -1.48
CA ASP A 91 -7.29 -7.76 -0.63
C ASP A 91 -5.94 -7.12 -0.92
N THR A 92 -5.96 -5.98 -1.61
CA THR A 92 -4.73 -5.27 -1.98
C THR A 92 -3.91 -4.82 -0.78
N LEU A 93 -4.46 -4.85 0.42
CA LEU A 93 -3.73 -4.40 1.61
C LEU A 93 -3.08 -5.55 2.37
N GLN A 94 -3.37 -6.79 1.97
CA GLN A 94 -2.69 -7.95 2.54
C GLN A 94 -1.24 -7.99 2.07
N SER A 95 -0.32 -8.23 2.99
CA SER A 95 1.11 -8.33 2.68
C SER A 95 1.68 -9.62 3.26
N ASP A 96 2.62 -10.21 2.52
CA ASP A 96 3.20 -11.51 2.85
C ASP A 96 2.16 -12.62 2.81
N ASP A 106 6.20 -21.57 9.40
CA ASP A 106 5.26 -22.60 8.98
C ASP A 106 3.82 -22.09 8.99
N GLY A 107 3.46 -21.36 10.04
CA GLY A 107 2.08 -20.93 10.25
C GLY A 107 1.69 -19.62 9.61
N ARG A 108 2.31 -19.29 8.47
CA ARG A 108 1.91 -18.14 7.67
C ARG A 108 1.37 -18.56 6.30
N GLU A 109 0.93 -19.80 6.14
CA GLU A 109 0.32 -20.20 4.89
C GLU A 109 -1.16 -19.85 4.93
N PRO A 110 -1.65 -19.01 4.02
CA PRO A 110 -3.09 -18.73 3.98
C PRO A 110 -3.85 -19.96 3.54
N ASP A 111 -5.10 -20.04 3.98
CA ASP A 111 -6.04 -21.04 3.51
C ASP A 111 -6.81 -20.48 2.32
N LYS A 112 -7.38 -21.39 1.53
CA LYS A 112 -8.21 -20.98 0.41
C LYS A 112 -9.45 -20.23 0.88
N SER A 113 -9.92 -20.52 2.08
CA SER A 113 -11.09 -19.86 2.64
C SER A 113 -10.75 -19.52 4.09
N TYR A 114 -11.23 -18.37 4.55
CA TYR A 114 -10.90 -17.92 5.90
C TYR A 114 -11.88 -16.83 6.31
N LEU A 115 -11.89 -16.57 7.62
CA LEU A 115 -12.61 -15.45 8.19
C LEU A 115 -11.60 -14.50 8.81
N ALA A 116 -11.96 -13.22 8.85
CA ALA A 116 -11.09 -12.25 9.49
C ALA A 116 -11.92 -11.14 10.12
N ALA A 117 -11.36 -10.59 11.19
CA ALA A 117 -11.82 -9.32 11.75
C ALA A 117 -10.97 -8.23 11.11
N ARG A 118 -11.57 -7.48 10.20
CA ARG A 118 -10.84 -6.56 9.34
C ARG A 118 -10.59 -5.21 10.01
N GLU A 119 -11.65 -4.61 10.56
CA GLU A 119 -11.54 -3.36 11.30
C GLU A 119 -12.44 -3.48 12.52
N PHE A 120 -12.00 -2.89 13.63
CA PHE A 120 -12.84 -2.80 14.82
C PHE A 120 -12.30 -1.59 15.58
N TRP A 121 -13.08 -0.53 15.66
CA TRP A 121 -12.56 0.61 16.37
C TRP A 121 -13.65 1.46 16.99
N VAL A 122 -13.23 2.28 17.94
N VAL A 122 -13.23 2.29 17.93
CA VAL A 122 -14.06 3.31 18.55
CA VAL A 122 -14.06 3.31 18.56
C VAL A 122 -13.41 4.65 18.25
C VAL A 122 -13.41 4.65 18.28
N ASP A 123 -14.24 5.66 18.10
CA ASP A 123 -13.81 6.97 17.64
C ASP A 123 -14.43 8.03 18.52
N TYR A 124 -13.63 9.02 18.87
CA TYR A 124 -14.12 10.16 19.62
C TYR A 124 -13.75 11.43 18.89
N ALA A 125 -14.75 12.23 18.54
CA ALA A 125 -14.58 13.42 17.73
C ALA A 125 -14.74 14.70 18.52
N GLY A 126 -14.86 14.61 19.85
CA GLY A 126 -15.19 15.76 20.67
C GLY A 126 -14.03 16.58 21.19
N LEU A 127 -12.79 16.20 20.90
CA LEU A 127 -11.69 17.01 21.42
C LEU A 127 -11.78 18.44 20.89
N THR A 128 -12.22 18.61 19.65
CA THR A 128 -12.46 19.93 19.07
C THR A 128 -13.77 19.89 18.30
N ALA A 129 -14.26 21.08 17.96
CA ALA A 129 -15.51 21.27 17.25
C ALA A 129 -15.39 21.02 15.76
N TYR A 130 -14.18 20.84 15.25
CA TYR A 130 -14.01 20.49 13.85
C TYR A 130 -14.47 19.05 13.62
N PRO A 131 -15.42 18.81 12.72
CA PRO A 131 -15.72 17.41 12.36
C PRO A 131 -14.58 16.74 11.64
N GLY A 132 -13.66 17.51 11.05
CA GLY A 132 -12.46 16.95 10.46
C GLY A 132 -11.44 16.48 11.48
N GLU A 133 -11.70 16.68 12.77
CA GLU A 133 -10.79 16.28 13.83
C GLU A 133 -11.42 15.16 14.64
N HIS A 134 -10.69 14.07 14.81
CA HIS A 134 -11.20 12.95 15.57
C HIS A 134 -10.05 12.05 15.99
N LEU A 135 -10.34 11.20 16.97
CA LEU A 135 -9.37 10.30 17.57
C LEU A 135 -9.93 8.89 17.45
N ARG A 136 -9.16 7.99 16.84
CA ARG A 136 -9.64 6.65 16.53
C ARG A 136 -8.74 5.60 17.17
N PHE A 137 -9.38 4.63 17.82
CA PHE A 137 -8.69 3.60 18.59
C PHE A 137 -9.20 2.23 18.19
N GLY A 138 -8.30 1.39 17.69
CA GLY A 138 -8.59 0.01 17.37
C GLY A 138 -7.95 -0.36 16.06
N ARG A 139 -8.35 -1.51 15.52
CA ARG A 139 -7.84 -1.93 14.22
C ARG A 139 -8.57 -1.11 13.16
N GLN A 140 -7.83 -0.28 12.45
CA GLN A 140 -8.43 0.74 11.60
C GLN A 140 -7.63 0.92 10.33
N ARG A 141 -8.29 1.47 9.32
CA ARG A 141 -7.60 1.82 8.10
C ARG A 141 -6.77 3.06 8.37
N LEU A 142 -5.46 2.94 8.18
CA LEU A 142 -4.55 4.08 8.14
C LEU A 142 -4.17 4.30 6.69
N ARG A 143 -4.23 5.54 6.23
CA ARG A 143 -3.76 5.80 4.87
C ARG A 143 -3.40 7.26 4.73
N GLU A 144 -2.31 7.53 4.02
CA GLU A 144 -2.06 8.85 3.45
C GLU A 144 -2.04 8.73 1.94
N ASP A 145 -2.11 9.87 1.27
CA ASP A 145 -2.56 9.90 -0.11
C ASP A 145 -1.57 9.23 -1.05
N SER A 146 -0.29 9.21 -0.70
CA SER A 146 0.68 8.57 -1.56
C SER A 146 0.62 7.06 -1.43
N GLY A 147 0.08 6.56 -0.32
CA GLY A 147 0.15 5.15 0.01
C GLY A 147 1.55 4.64 0.29
N GLN A 148 2.55 5.52 0.31
CA GLN A 148 3.94 5.12 0.45
C GLN A 148 4.44 5.16 1.88
N TRP A 149 3.66 5.69 2.81
CA TRP A 149 3.99 5.63 4.22
C TRP A 149 3.07 4.70 4.98
N GLN A 150 1.76 4.85 4.78
CA GLN A 150 0.79 3.98 5.43
C GLN A 150 -0.41 3.81 4.49
N ASP A 151 -0.83 2.56 4.36
CA ASP A 151 -2.07 2.23 3.69
C ASP A 151 -2.39 0.80 4.09
N THR A 152 -3.02 0.63 5.25
CA THR A 152 -3.11 -0.69 5.85
C THR A 152 -4.17 -0.66 6.94
N ASN A 153 -4.64 -1.85 7.31
CA ASN A 153 -5.49 -2.03 8.47
C ASN A 153 -4.61 -2.50 9.62
N ILE A 154 -4.55 -1.71 10.69
CA ILE A 154 -3.65 -2.01 11.79
C ILE A 154 -4.23 -1.45 13.09
N GLU A 155 -3.90 -2.13 14.19
CA GLU A 155 -4.26 -1.68 15.52
C GLU A 155 -3.52 -0.38 15.80
N ALA A 156 -4.27 0.69 16.06
CA ALA A 156 -3.64 1.98 16.25
C ALA A 156 -4.49 2.86 17.14
N LEU A 157 -3.84 3.90 17.64
CA LEU A 157 -4.48 5.06 18.24
C LEU A 157 -4.05 6.21 17.33
N ASN A 158 -4.98 6.78 16.60
CA ASN A 158 -4.60 7.74 15.58
C ASN A 158 -5.48 8.97 15.68
N TRP A 159 -4.82 10.12 15.75
CA TRP A 159 -5.48 11.41 15.79
C TRP A 159 -5.39 12.05 14.43
N SER A 160 -6.52 12.56 13.95
CA SER A 160 -6.61 13.22 12.66
C SER A 160 -7.16 14.63 12.85
N PHE A 161 -6.60 15.55 12.07
CA PHE A 161 -7.07 16.94 12.05
C PHE A 161 -7.05 17.39 10.59
N GLU A 162 -8.22 17.52 9.98
CA GLU A 162 -8.31 17.86 8.56
C GLU A 162 -9.28 19.02 8.37
N THR A 163 -8.72 20.18 8.05
CA THR A 163 -9.43 21.42 7.81
C THR A 163 -8.92 22.01 6.50
N THR A 164 -9.46 23.17 6.12
CA THR A 164 -9.08 23.78 4.86
C THR A 164 -7.58 24.05 4.81
N LEU A 165 -7.05 24.73 5.83
CA LEU A 165 -5.71 25.27 5.76
C LEU A 165 -4.68 24.43 6.50
N LEU A 166 -5.11 23.55 7.41
CA LEU A 166 -4.17 22.76 8.19
C LEU A 166 -4.67 21.32 8.24
N ASN A 167 -3.79 20.40 7.85
CA ASN A 167 -3.96 18.98 8.10
C ASN A 167 -2.86 18.54 9.06
N ALA A 168 -3.23 17.73 10.04
CA ALA A 168 -2.26 17.16 10.97
C ALA A 168 -2.78 15.80 11.40
N HIS A 169 -1.86 14.88 11.67
CA HIS A 169 -2.17 13.57 12.19
C HIS A 169 -1.06 13.17 13.14
N ALA A 170 -1.41 12.37 14.14
CA ALA A 170 -0.41 11.79 15.02
C ALA A 170 -0.96 10.45 15.50
N GLY A 171 -0.11 9.44 15.50
CA GLY A 171 -0.60 8.11 15.80
C GLY A 171 0.50 7.18 16.26
N VAL A 172 0.06 6.09 16.87
CA VAL A 172 0.91 4.97 17.24
C VAL A 172 0.20 3.70 16.80
N ALA A 173 0.96 2.73 16.31
CA ALA A 173 0.37 1.50 15.82
C ALA A 173 1.30 0.32 16.05
N GLN A 174 0.69 -0.85 16.17
CA GLN A 174 1.45 -2.08 16.29
C GLN A 174 0.53 -3.26 15.99
N ARG A 175 1.07 -4.27 15.30
CA ARG A 175 0.34 -5.49 15.03
C ARG A 175 0.52 -6.48 16.17
N PHE A 176 -0.60 -7.01 16.65
CA PHE A 176 -0.62 -8.07 17.64
C PHE A 176 -1.17 -9.36 17.09
N SER A 177 -1.94 -9.29 16.00
CA SER A 177 -2.51 -10.46 15.38
C SER A 177 -2.89 -10.09 13.96
N GLU A 178 -3.13 -11.11 13.15
CA GLU A 178 -3.78 -10.96 11.86
C GLU A 178 -5.30 -11.03 11.98
N TYR A 179 -5.81 -11.54 13.09
CA TYR A 179 -7.25 -11.69 13.30
C TYR A 179 -7.87 -12.49 12.16
N ARG A 180 -7.19 -13.56 11.77
CA ARG A 180 -7.57 -14.41 10.66
C ARG A 180 -7.58 -15.87 11.11
N THR A 181 -8.52 -16.63 10.58
CA THR A 181 -8.63 -18.03 10.98
C THR A 181 -7.52 -18.89 10.42
N ASP A 182 -6.72 -18.40 9.46
CA ASP A 182 -5.74 -19.22 8.79
C ASP A 182 -4.29 -18.84 9.07
N LEU A 183 -4.03 -17.64 9.60
CA LEU A 183 -2.69 -17.25 10.01
C LEU A 183 -2.63 -17.19 11.53
N ASP A 184 -1.68 -17.92 12.10
CA ASP A 184 -1.52 -18.02 13.54
C ASP A 184 -0.48 -17.06 14.09
N GLU A 185 0.39 -16.53 13.22
CA GLU A 185 1.58 -15.82 13.64
C GLU A 185 1.73 -14.58 12.79
N LEU A 186 2.47 -13.61 13.33
CA LEU A 186 2.77 -12.40 12.59
C LEU A 186 3.98 -12.60 11.68
N ALA A 187 4.01 -11.83 10.59
CA ALA A 187 5.22 -11.72 9.81
C ALA A 187 6.36 -11.27 10.72
N PRO A 188 7.57 -11.82 10.56
CA PRO A 188 8.67 -11.42 11.47
C PRO A 188 8.87 -9.91 11.52
N GLU A 189 8.70 -9.24 10.38
CA GLU A 189 8.85 -7.79 10.31
C GLU A 189 7.91 -7.07 11.26
N ASP A 190 6.73 -7.62 11.49
CA ASP A 190 5.69 -6.98 12.28
C ASP A 190 5.75 -7.34 13.76
N LYS A 191 6.33 -8.48 14.09
CA LYS A 191 6.38 -8.94 15.47
C LYS A 191 7.15 -7.95 16.32
N ASP A 192 6.50 -7.44 17.36
CA ASP A 192 7.10 -6.56 18.36
C ASP A 192 7.60 -5.24 17.77
N ARG A 193 7.13 -4.87 16.59
CA ARG A 193 7.49 -3.59 15.97
C ARG A 193 6.42 -2.56 16.31
N THR A 194 6.83 -1.46 16.93
CA THR A 194 5.92 -0.35 17.22
C THR A 194 6.19 0.81 16.27
N HIS A 195 5.12 1.37 15.71
CA HIS A 195 5.19 2.53 14.85
C HIS A 195 4.65 3.77 15.57
N VAL A 196 5.33 4.88 15.40
N VAL A 196 5.32 4.90 15.41
CA VAL A 196 4.87 6.19 15.85
CA VAL A 196 4.81 6.18 15.89
C VAL A 196 5.03 7.13 14.67
C VAL A 196 5.07 7.20 14.78
N PHE A 197 4.06 8.00 14.46
CA PHE A 197 4.07 8.79 13.24
C PHE A 197 3.24 10.06 13.40
N GLY A 198 3.55 11.02 12.54
CA GLY A 198 2.81 12.25 12.51
C GLY A 198 3.05 12.97 11.21
N ASP A 199 2.17 13.91 10.91
CA ASP A 199 2.36 14.77 9.77
C ASP A 199 1.67 16.09 10.04
N ILE A 200 2.16 17.12 9.37
CA ILE A 200 1.52 18.42 9.37
C ILE A 200 1.68 19.00 7.97
N SER A 201 0.63 19.64 7.50
CA SER A 201 0.66 20.16 6.14
C SER A 201 -0.37 21.27 6.07
N THR A 202 -0.18 22.15 5.10
CA THR A 202 -1.04 23.29 4.89
C THR A 202 -1.27 23.44 3.39
N GLN A 203 -2.47 23.88 3.05
CA GLN A 203 -2.81 24.30 1.70
C GLN A 203 -2.37 25.76 1.57
N TRP A 204 -1.19 25.98 0.97
CA TRP A 204 -0.65 27.33 0.88
C TRP A 204 -1.24 28.12 -0.29
N ALA A 205 -1.74 27.43 -1.30
CA ALA A 205 -2.55 27.99 -2.37
C ALA A 205 -3.68 26.99 -2.61
N PRO A 206 -4.78 27.42 -3.21
CA PRO A 206 -5.84 26.44 -3.54
C PRO A 206 -5.26 25.27 -4.31
N HIS A 207 -5.44 24.06 -3.80
CA HIS A 207 -5.03 22.80 -4.42
C HIS A 207 -3.52 22.59 -4.41
N HIS A 208 -2.76 23.36 -3.64
CA HIS A 208 -1.32 23.14 -3.49
C HIS A 208 -1.01 22.95 -2.02
N ARG A 209 -0.43 21.80 -1.69
CA ARG A 209 -0.15 21.44 -0.30
C ARG A 209 1.35 21.23 -0.13
N ILE A 210 1.86 21.69 0.99
CA ILE A 210 3.20 21.35 1.41
C ILE A 210 3.11 20.84 2.84
N GLY A 211 3.91 19.83 3.15
CA GLY A 211 3.83 19.21 4.46
C GLY A 211 5.12 18.53 4.81
N VAL A 212 5.22 18.19 6.08
CA VAL A 212 6.29 17.36 6.61
C VAL A 212 5.63 16.14 7.23
N ARG A 213 6.38 15.05 7.27
CA ARG A 213 5.90 13.76 7.73
C ARG A 213 7.00 13.07 8.49
N ILE A 214 6.64 12.43 9.58
CA ILE A 214 7.59 11.66 10.36
C ILE A 214 7.00 10.30 10.64
N HIS A 215 7.85 9.30 10.61
CA HIS A 215 7.50 7.95 10.97
C HIS A 215 8.68 7.34 11.70
N HIS A 216 8.40 6.64 12.80
CA HIS A 216 9.42 5.97 13.58
C HIS A 216 8.99 4.53 13.81
N ALA A 217 9.86 3.58 13.46
CA ALA A 217 9.62 2.16 13.71
C ALA A 217 10.65 1.68 14.70
N ASP A 218 10.19 0.94 15.72
CA ASP A 218 11.04 0.49 16.81
C ASP A 218 10.77 -0.99 17.03
N ASP A 219 11.80 -1.81 16.83
CA ASP A 219 11.71 -3.24 17.11
C ASP A 219 12.13 -3.51 18.55
N SER A 220 11.28 -4.21 19.30
CA SER A 220 11.65 -4.69 20.62
C SER A 220 11.91 -6.19 20.62
N GLY A 221 11.87 -6.83 19.46
CA GLY A 221 12.13 -8.24 19.37
C GLY A 221 13.59 -8.55 19.65
N HIS A 222 13.89 -9.83 19.57
CA HIS A 222 15.27 -10.30 19.63
C HIS A 222 15.57 -11.11 18.38
N LEU A 223 16.83 -11.12 18.00
CA LEU A 223 17.28 -11.99 16.94
C LEU A 223 17.66 -13.33 17.53
N ARG A 224 17.54 -14.36 16.70
CA ARG A 224 18.04 -15.68 17.08
C ARG A 224 19.49 -15.57 17.51
N ARG A 225 19.88 -16.43 18.49
CA ARG A 225 21.25 -16.44 18.99
C ARG A 225 22.13 -17.35 18.15
N PRO A 226 23.44 -17.08 18.13
CA PRO A 226 24.36 -17.93 17.34
C PRO A 226 24.17 -19.40 17.68
N GLY A 227 24.13 -20.22 16.62
CA GLY A 227 23.88 -21.63 16.77
C GLY A 227 22.43 -22.03 16.66
N GLU A 228 21.50 -21.11 16.87
CA GLU A 228 20.09 -21.43 16.76
C GLU A 228 19.68 -21.49 15.29
N GLU A 229 18.83 -22.45 14.97
CA GLU A 229 18.26 -22.52 13.64
C GLU A 229 17.33 -21.33 13.42
N VAL A 230 17.38 -20.79 12.21
CA VAL A 230 16.55 -19.66 11.81
C VAL A 230 15.58 -20.17 10.75
N ASP A 231 14.33 -19.77 10.84
CA ASP A 231 13.35 -20.19 9.86
C ASP A 231 12.60 -18.97 9.31
N ASN A 232 11.65 -19.28 8.42
CA ASN A 232 10.78 -18.32 7.75
C ASN A 232 10.27 -17.23 8.66
N LEU A 233 9.94 -17.61 9.89
CA LEU A 233 9.18 -16.77 10.81
C LEU A 233 10.06 -16.02 11.80
N ASP A 234 11.38 -16.05 11.62
CA ASP A 234 12.28 -15.34 12.51
C ASP A 234 12.67 -14.00 11.90
N LYS A 235 12.91 -13.02 12.77
CA LYS A 235 13.38 -11.72 12.33
C LYS A 235 14.72 -11.83 11.60
N THR A 236 14.86 -11.07 10.51
CA THR A 236 16.14 -10.89 9.85
C THR A 236 16.95 -9.75 10.46
N TYR A 237 16.30 -8.88 11.24
CA TYR A 237 16.95 -7.67 11.73
C TYR A 237 16.04 -7.05 12.77
N THR A 238 16.63 -6.23 13.63
CA THR A 238 15.89 -5.33 14.50
C THR A 238 16.36 -3.91 14.23
N GLY A 239 15.44 -2.96 14.33
CA GLY A 239 15.73 -1.60 13.93
C GLY A 239 15.14 -0.57 14.87
N GLN A 240 15.74 0.61 14.81
CA GLN A 240 15.21 1.87 15.31
C GLN A 240 15.36 2.79 14.10
N LEU A 241 14.28 3.00 13.34
CA LEU A 241 14.35 3.72 12.07
C LEU A 241 13.41 4.92 12.11
N THR A 242 13.91 6.07 11.68
CA THR A 242 13.12 7.28 11.61
C THR A 242 13.13 7.81 10.18
N TRP A 243 11.94 8.01 9.63
CA TRP A 243 11.78 8.64 8.33
C TRP A 243 11.29 10.08 8.53
N LEU A 244 11.98 11.01 7.88
CA LEU A 244 11.63 12.42 7.94
C LEU A 244 11.45 12.87 6.50
N GLY A 245 10.26 13.32 6.15
CA GLY A 245 9.95 13.62 4.78
C GLY A 245 9.32 14.99 4.60
N ILE A 246 9.59 15.58 3.45
N ILE A 246 9.60 15.58 3.44
CA ILE A 246 8.86 16.75 2.99
CA ILE A 246 8.91 16.76 2.94
C ILE A 246 8.14 16.35 1.71
C ILE A 246 8.13 16.31 1.71
N GLU A 247 6.93 16.85 1.54
CA GLU A 247 6.11 16.51 0.39
C GLU A 247 5.35 17.74 -0.07
N ALA A 248 5.41 17.99 -1.37
CA ALA A 248 4.62 19.02 -2.02
C ALA A 248 3.72 18.34 -3.03
N THR A 249 2.47 18.79 -3.10
CA THR A 249 1.53 18.21 -4.06
C THR A 249 0.66 19.32 -4.62
N GLY A 250 0.31 19.17 -5.90
CA GLY A 250 -0.72 19.96 -6.53
C GLY A 250 -1.74 19.03 -7.14
N ASP A 251 -2.83 18.76 -6.41
CA ASP A 251 -3.85 17.82 -6.85
C ASP A 251 -3.21 16.51 -7.29
N ALA A 252 -2.19 16.09 -6.56
CA ALA A 252 -1.39 14.96 -7.01
C ALA A 252 -2.24 13.72 -7.24
N TYR A 253 -3.20 13.47 -6.35
CA TYR A 253 -3.99 12.25 -6.37
C TYR A 253 -5.48 12.55 -6.51
N ASN A 254 -5.81 13.68 -7.15
CA ASN A 254 -7.20 14.12 -7.28
C ASN A 254 -7.68 13.95 -8.72
N TYR A 255 -8.52 12.93 -8.93
CA TYR A 255 -9.05 12.67 -10.26
C TYR A 255 -9.99 13.76 -10.77
N ARG A 256 -10.42 14.68 -9.90
CA ARG A 256 -11.35 15.73 -10.29
C ARG A 256 -10.67 17.08 -10.46
N SER A 257 -9.35 17.11 -10.60
CA SER A 257 -8.65 18.37 -10.71
C SER A 257 -9.10 19.16 -11.93
N SER A 258 -9.18 20.48 -11.76
CA SER A 258 -9.38 21.41 -12.85
C SER A 258 -8.11 22.17 -13.25
N MET A 259 -6.99 21.92 -12.56
CA MET A 259 -5.72 22.51 -12.98
C MET A 259 -5.17 21.80 -14.22
N PRO A 260 -4.48 22.52 -15.11
CA PRO A 260 -3.94 21.84 -16.29
C PRO A 260 -2.79 20.91 -15.96
N LEU A 261 -2.12 21.10 -14.83
CA LEU A 261 -1.02 20.26 -14.41
C LEU A 261 -1.17 19.90 -12.95
N ASN A 262 -0.90 18.64 -12.61
CA ASN A 262 -0.85 18.15 -11.24
C ASN A 262 0.54 17.61 -10.99
N TYR A 263 0.97 17.59 -9.73
CA TYR A 263 2.33 17.18 -9.46
C TYR A 263 2.47 16.65 -8.05
N TRP A 264 3.50 15.86 -7.84
CA TRP A 264 3.92 15.49 -6.51
C TRP A 264 5.43 15.49 -6.48
N ALA A 265 5.98 15.86 -5.33
CA ALA A 265 7.41 15.77 -5.08
C ALA A 265 7.58 15.49 -3.59
N SER A 266 8.32 14.44 -3.29
CA SER A 266 8.58 14.07 -1.92
C SER A 266 10.05 13.70 -1.80
N ALA A 267 10.61 14.03 -0.66
CA ALA A 267 12.00 13.73 -0.35
C ALA A 267 11.97 13.23 1.09
N THR A 268 12.55 12.05 1.31
CA THR A 268 12.45 11.38 2.59
C THR A 268 13.82 10.92 3.03
N TRP A 269 14.23 11.35 4.23
CA TRP A 269 15.47 10.90 4.85
C TRP A 269 15.18 9.81 5.87
N LEU A 270 15.92 8.71 5.76
CA LEU A 270 15.81 7.57 6.67
C LEU A 270 17.10 7.50 7.47
N THR A 271 16.97 7.53 8.78
CA THR A 271 18.11 7.52 9.68
C THR A 271 17.77 6.61 10.84
N GLY A 272 18.81 6.18 11.53
CA GLY A 272 18.60 5.31 12.66
C GLY A 272 19.61 4.21 12.63
N ASP A 273 19.23 3.03 13.09
CA ASP A 273 20.18 1.94 13.15
C ASP A 273 19.46 0.61 13.02
N ARG A 274 20.19 -0.36 12.47
CA ARG A 274 19.71 -1.71 12.29
C ARG A 274 20.73 -2.68 12.86
N ASP A 275 20.26 -3.72 13.52
CA ASP A 275 21.09 -4.86 13.88
C ASP A 275 20.65 -6.02 13.00
N ASN A 276 21.53 -6.47 12.13
CA ASN A 276 21.21 -7.47 11.13
C ASN A 276 21.68 -8.83 11.58
N LEU A 277 20.80 -9.82 11.45
CA LEU A 277 21.15 -11.20 11.74
C LEU A 277 22.04 -11.74 10.66
N THR A 278 23.14 -12.38 11.03
CA THR A 278 23.92 -13.12 10.07
C THR A 278 23.57 -14.58 10.22
N THR A 279 23.63 -15.31 9.10
CA THR A 279 23.29 -16.72 9.07
C THR A 279 24.22 -17.44 8.10
N THR A 280 24.27 -18.75 8.25
CA THR A 280 24.94 -19.63 7.30
C THR A 280 24.09 -20.89 7.18
N THR A 281 24.43 -21.74 6.22
CA THR A 281 23.65 -22.93 5.94
C THR A 281 24.36 -24.17 6.46
N VAL A 282 23.57 -25.14 6.91
CA VAL A 282 24.06 -26.40 7.44
C VAL A 282 23.07 -27.51 7.12
N ARG A 285 19.96 -26.31 5.98
CA ARG A 285 19.24 -25.53 6.97
C ARG A 285 19.99 -24.26 7.34
N ARG A 286 19.25 -23.27 7.83
CA ARG A 286 19.79 -21.95 8.16
C ARG A 286 20.12 -21.89 9.64
N ILE A 287 21.33 -21.44 9.96
CA ILE A 287 21.80 -21.34 11.34
C ILE A 287 22.26 -19.92 11.59
N ALA A 288 21.94 -19.38 12.76
CA ALA A 288 22.35 -18.03 13.09
C ALA A 288 23.82 -18.03 13.52
N THR A 289 24.57 -17.03 13.03
CA THR A 289 25.99 -16.93 13.33
C THR A 289 26.38 -15.67 14.09
N GLY A 290 25.49 -14.69 14.18
CA GLY A 290 25.77 -13.50 14.96
C GLY A 290 24.85 -12.38 14.55
N LYS A 291 25.36 -11.16 14.71
CA LYS A 291 24.66 -9.99 14.22
C LYS A 291 25.66 -8.87 14.01
N GLN A 292 25.29 -7.94 13.14
CA GLN A 292 26.08 -6.76 12.85
C GLN A 292 25.19 -5.53 12.91
N SER A 293 25.58 -4.56 13.73
CA SER A 293 24.88 -3.30 13.87
C SER A 293 25.49 -2.24 12.96
N GLY A 294 24.69 -1.25 12.62
CA GLY A 294 25.19 -0.15 11.82
C GLY A 294 24.13 0.91 11.70
N ASP A 295 24.58 2.13 11.41
CA ASP A 295 23.62 3.20 11.22
C ASP A 295 23.00 3.11 9.84
N VAL A 296 21.82 3.70 9.71
CA VAL A 296 21.16 3.86 8.43
C VAL A 296 21.13 5.35 8.13
N ASN A 297 21.46 5.70 6.90
CA ASN A 297 21.44 7.10 6.49
C ASN A 297 21.14 7.04 5.00
N ALA A 298 19.87 7.01 4.64
CA ALA A 298 19.39 6.71 3.32
C ALA A 298 18.39 7.78 2.91
N PHE A 299 17.97 7.70 1.66
CA PHE A 299 17.22 8.78 1.06
C PHE A 299 16.29 8.23 -0.01
N GLY A 300 15.07 8.74 -0.02
CA GLY A 300 14.12 8.40 -1.05
C GLY A 300 13.52 9.65 -1.65
N VAL A 301 13.22 9.58 -2.93
CA VAL A 301 12.55 10.67 -3.63
C VAL A 301 11.51 10.08 -4.56
N ASP A 302 10.38 10.77 -4.67
CA ASP A 302 9.35 10.41 -5.63
C ASP A 302 8.84 11.71 -6.24
N LEU A 303 8.83 11.76 -7.57
CA LEU A 303 8.47 12.96 -8.31
C LEU A 303 7.51 12.56 -9.40
N GLY A 304 6.50 13.38 -9.64
CA GLY A 304 5.63 13.15 -10.77
C GLY A 304 4.96 14.40 -11.27
N LEU A 305 4.59 14.35 -12.54
CA LEU A 305 3.92 15.43 -13.24
C LEU A 305 2.83 14.79 -14.08
N ARG A 306 1.61 15.31 -13.95
CA ARG A 306 0.47 14.84 -14.71
C ARG A 306 -0.12 15.99 -15.49
N TRP A 307 -0.28 15.77 -16.79
CA TRP A 307 -0.94 16.70 -17.68
C TRP A 307 -2.41 16.35 -17.71
N ASN A 308 -3.26 17.33 -17.43
CA ASN A 308 -4.70 17.18 -17.61
C ASN A 308 -5.01 17.77 -18.99
N ILE A 309 -4.98 16.90 -19.99
CA ILE A 309 -5.00 17.36 -21.38
C ILE A 309 -6.37 17.93 -21.72
N ASP A 310 -7.43 17.23 -21.36
CA ASP A 310 -8.77 17.81 -21.44
C ASP A 310 -9.61 17.21 -20.33
N GLU A 311 -10.93 17.21 -20.52
CA GLU A 311 -11.82 16.72 -19.46
C GLU A 311 -11.63 15.24 -19.22
N GLN A 312 -11.25 14.49 -20.24
CA GLN A 312 -11.17 13.04 -20.16
C GLN A 312 -9.75 12.49 -20.14
N TRP A 313 -8.81 13.14 -20.82
CA TRP A 313 -7.50 12.56 -21.07
C TRP A 313 -6.43 13.14 -20.16
N LYS A 314 -5.55 12.28 -19.65
CA LYS A 314 -4.41 12.70 -18.84
C LYS A 314 -3.20 11.86 -19.22
N ALA A 315 -2.04 12.40 -18.90
CA ALA A 315 -0.80 11.69 -19.15
C ALA A 315 0.21 12.21 -18.15
N GLY A 316 1.26 11.44 -17.93
CA GLY A 316 2.22 11.92 -16.97
C GLY A 316 3.48 11.10 -16.97
N VAL A 317 4.40 11.54 -16.12
CA VAL A 317 5.72 10.95 -16.00
C VAL A 317 6.06 10.90 -14.52
N GLY A 318 6.82 9.89 -14.13
CA GLY A 318 7.20 9.72 -12.75
C GLY A 318 8.64 9.29 -12.67
N TYR A 319 9.26 9.64 -11.54
CA TYR A 319 10.60 9.18 -11.24
C TYR A 319 10.71 8.97 -9.73
N ALA A 320 11.20 7.80 -9.34
CA ALA A 320 11.41 7.52 -7.93
C ALA A 320 12.77 6.85 -7.77
N ARG A 321 13.37 7.07 -6.60
CA ARG A 321 14.66 6.48 -6.29
C ARG A 321 14.71 6.25 -4.79
N GLY A 322 14.89 5.00 -4.39
CA GLY A 322 15.28 4.67 -3.03
C GLY A 322 16.74 4.27 -3.03
N SER A 323 17.54 4.95 -2.21
CA SER A 323 18.97 4.70 -2.23
C SER A 323 19.27 3.25 -1.87
N GLY A 324 20.47 2.81 -2.21
CA GLY A 324 20.86 1.44 -1.93
C GLY A 324 22.34 1.37 -1.66
N GLY A 325 22.75 0.29 -1.01
CA GLY A 325 24.17 0.01 -0.84
C GLY A 325 24.79 0.87 0.24
N GLY A 326 25.94 1.48 -0.08
CA GLY A 326 26.64 2.34 0.84
C GLY A 326 27.50 1.59 1.84
N LYS A 327 28.38 2.34 2.51
CA LYS A 327 29.27 1.77 3.52
C LYS A 327 28.46 0.90 4.47
N ASP A 328 28.78 -0.39 4.46
CA ASP A 328 28.00 -1.42 5.17
C ASP A 328 26.52 -1.07 5.21
N GLY A 329 25.92 -0.88 4.04
CA GLY A 329 24.48 -0.85 3.92
C GLY A 329 23.78 0.35 4.49
N GLU A 330 24.52 1.38 4.92
CA GLU A 330 23.87 2.54 5.53
C GLU A 330 22.92 3.23 4.56
N GLU A 331 23.15 3.11 3.26
CA GLU A 331 22.37 3.85 2.28
C GLU A 331 21.20 3.05 1.73
N GLN A 332 20.86 1.92 2.33
CA GLN A 332 19.74 1.12 1.82
C GLN A 332 18.46 1.74 2.37
N PHE A 333 17.76 2.49 1.53
CA PHE A 333 16.44 2.98 1.89
C PHE A 333 15.48 1.80 2.03
N GLN A 334 14.44 2.02 2.80
CA GLN A 334 13.36 1.05 2.87
C GLN A 334 12.12 1.81 3.28
N GLN A 335 10.98 1.19 3.07
CA GLN A 335 9.72 1.81 3.46
C GLN A 335 9.29 1.29 4.82
N THR A 336 8.19 1.89 5.33
CA THR A 336 7.80 1.68 6.72
C THR A 336 7.37 0.25 6.98
N GLY A 337 6.92 -0.47 5.96
CA GLY A 337 6.22 -1.71 6.15
C GLY A 337 4.71 -1.60 6.26
N LEU A 338 4.19 -0.38 6.41
CA LEU A 338 2.75 -0.15 6.44
C LEU A 338 2.21 0.31 5.10
N GLU A 339 3.09 0.51 4.10
CA GLU A 339 2.71 1.13 2.85
C GLU A 339 1.96 0.15 1.95
N SER A 340 1.19 0.69 1.01
CA SER A 340 0.68 -0.08 -0.11
C SER A 340 1.38 0.26 -1.41
N ASN A 341 1.91 1.47 -1.53
CA ASN A 341 2.38 2.02 -2.79
C ASN A 341 1.29 2.06 -3.83
N ARG A 342 0.04 2.09 -3.38
CA ARG A 342 -1.11 2.24 -4.26
C ARG A 342 -1.66 3.64 -4.12
N SER A 343 -1.82 4.33 -5.25
CA SER A 343 -2.34 5.69 -5.23
C SER A 343 -3.03 5.98 -6.55
N ASN A 344 -3.74 7.10 -6.58
CA ASN A 344 -4.41 7.64 -7.76
C ASN A 344 -3.47 8.49 -8.61
N PHE A 345 -2.21 8.08 -8.77
CA PHE A 345 -1.25 8.95 -9.43
C PHE A 345 -1.52 9.11 -10.92
N THR A 346 -2.27 8.20 -11.55
CA THR A 346 -2.64 8.41 -12.95
C THR A 346 -3.86 9.31 -13.12
N GLY A 347 -4.35 9.91 -12.03
CA GLY A 347 -5.41 10.90 -12.13
C GLY A 347 -6.80 10.35 -12.34
N THR A 348 -7.04 9.09 -11.99
CA THR A 348 -8.36 8.51 -12.11
C THR A 348 -8.88 8.11 -10.74
N ARG A 349 -10.16 7.72 -10.72
CA ARG A 349 -10.78 7.16 -9.52
C ARG A 349 -10.15 5.84 -9.11
N SER A 350 -9.48 5.14 -10.02
CA SER A 350 -8.87 3.85 -9.72
C SER A 350 -7.46 4.06 -9.18
N ARG A 351 -7.16 3.41 -8.04
CA ARG A 351 -5.80 3.41 -7.54
C ARG A 351 -4.98 2.36 -8.27
N VAL A 352 -3.69 2.68 -8.44
CA VAL A 352 -2.79 1.90 -9.25
C VAL A 352 -1.51 1.73 -8.44
N HIS A 353 -0.90 0.56 -8.54
CA HIS A 353 0.36 0.36 -7.85
C HIS A 353 1.42 1.26 -8.48
N ARG A 354 1.99 2.15 -7.67
CA ARG A 354 2.98 3.10 -8.15
C ARG A 354 4.18 2.43 -8.82
N PHE A 355 4.52 1.21 -8.43
CA PHE A 355 5.67 0.50 -8.98
C PHE A 355 5.28 -0.86 -9.56
N GLY A 356 4.11 -0.88 -10.19
CA GLY A 356 3.70 -2.01 -11.01
C GLY A 356 2.80 -3.00 -10.31
N GLU A 357 1.66 -3.30 -10.93
CA GLU A 357 0.81 -4.38 -10.43
CA GLU A 357 0.80 -4.38 -10.42
C GLU A 357 1.53 -5.72 -10.43
N ALA A 358 2.53 -5.89 -11.29
CA ALA A 358 3.26 -7.15 -11.36
C ALA A 358 4.52 -7.11 -10.51
N PHE A 359 5.34 -6.06 -10.65
CA PHE A 359 6.59 -5.97 -9.90
C PHE A 359 6.34 -5.61 -8.45
N ARG A 360 5.33 -4.78 -8.19
CA ARG A 360 4.98 -4.33 -6.84
C ARG A 360 6.23 -3.94 -6.08
N GLY A 361 7.01 -3.04 -6.66
CA GLY A 361 8.26 -2.65 -6.06
C GLY A 361 8.04 -1.91 -4.74
N GLU A 362 8.91 -2.21 -3.78
CA GLU A 362 9.18 -1.35 -2.64
C GLU A 362 10.34 -0.42 -3.03
N LEU A 363 10.29 0.82 -2.55
CA LEU A 363 11.32 1.79 -2.91
C LEU A 363 12.52 1.52 -2.01
N SER A 364 13.36 0.58 -2.45
CA SER A 364 14.49 0.11 -1.65
C SER A 364 15.58 -0.29 -2.64
N ASN A 365 16.65 0.49 -2.72
CA ASN A 365 17.73 0.22 -3.68
C ASN A 365 17.16 0.12 -5.09
N LEU A 366 16.23 1.03 -5.40
CA LEU A 366 15.41 0.93 -6.58
C LEU A 366 15.27 2.30 -7.20
N GLN A 367 15.40 2.34 -8.52
CA GLN A 367 15.17 3.53 -9.34
C GLN A 367 14.09 3.16 -10.34
N ALA A 368 13.09 4.02 -10.49
CA ALA A 368 12.00 3.76 -11.41
C ALA A 368 11.71 4.98 -12.26
N ALA A 369 11.60 4.77 -13.57
CA ALA A 369 11.04 5.73 -14.50
C ALA A 369 9.65 5.25 -14.89
N THR A 370 8.69 6.17 -14.89
CA THR A 370 7.30 5.81 -15.12
C THR A 370 6.70 6.75 -16.14
N LEU A 371 5.97 6.16 -17.09
CA LEU A 371 5.10 6.89 -18.01
C LEU A 371 3.68 6.38 -17.88
N PHE A 372 2.71 7.26 -18.04
CA PHE A 372 1.34 6.79 -18.06
C PHE A 372 0.47 7.68 -18.91
N GLY A 373 -0.62 7.09 -19.38
CA GLY A 373 -1.74 7.85 -19.91
C GLY A 373 -3.01 7.31 -19.29
N SER A 374 -4.00 8.19 -19.18
CA SER A 374 -5.25 7.76 -18.60
C SER A 374 -6.42 8.44 -19.27
N TRP A 375 -7.58 7.85 -19.10
CA TRP A 375 -8.81 8.34 -19.67
C TRP A 375 -9.92 8.13 -18.65
N GLN A 376 -10.74 9.15 -18.51
CA GLN A 376 -11.80 9.19 -17.50
C GLN A 376 -13.01 9.80 -18.16
N LEU A 377 -14.18 9.23 -17.88
CA LEU A 377 -15.43 9.81 -18.33
C LEU A 377 -16.31 9.92 -17.09
N ARG A 378 -16.51 11.16 -16.63
CA ARG A 378 -17.32 11.45 -15.45
C ARG A 378 -17.01 10.46 -14.33
N GLU A 379 -18.04 9.91 -13.71
CA GLU A 379 -17.89 8.90 -12.67
C GLU A 379 -18.13 7.49 -13.19
N ASP A 380 -18.10 7.31 -14.51
CA ASP A 380 -18.58 6.06 -15.11
C ASP A 380 -17.47 5.14 -15.60
N TYR A 381 -16.36 5.69 -16.06
CA TYR A 381 -15.29 4.85 -16.59
C TYR A 381 -13.96 5.48 -16.26
N ASP A 382 -12.93 4.65 -16.12
CA ASP A 382 -11.58 5.15 -16.22
C ASP A 382 -10.69 4.05 -16.78
N ALA A 383 -9.52 4.45 -17.23
CA ALA A 383 -8.58 3.52 -17.83
C ALA A 383 -7.20 4.12 -17.64
N SER A 384 -6.24 3.28 -17.31
CA SER A 384 -4.86 3.71 -17.17
C SER A 384 -3.95 2.75 -17.90
N LEU A 385 -2.99 3.30 -18.62
CA LEU A 385 -1.88 2.55 -19.20
C LEU A 385 -0.60 3.10 -18.58
N VAL A 386 0.19 2.21 -17.98
CA VAL A 386 1.37 2.63 -17.24
C VAL A 386 2.57 1.81 -17.70
N TYR A 387 3.65 2.49 -18.05
CA TYR A 387 4.93 1.88 -18.37
C TYR A 387 5.93 2.19 -17.26
N HIS A 388 6.65 1.18 -16.81
CA HIS A 388 7.72 1.35 -15.84
C HIS A 388 9.02 0.77 -16.36
N LYS A 389 10.13 1.41 -16.00
CA LYS A 389 11.45 0.82 -16.13
C LYS A 389 12.15 0.90 -14.79
N PHE A 390 12.71 -0.22 -14.35
CA PHE A 390 13.30 -0.37 -13.04
C PHE A 390 14.77 -0.68 -13.14
N TRP A 391 15.56 -0.03 -12.29
CA TRP A 391 16.96 -0.34 -12.13
C TRP A 391 17.31 -0.48 -10.66
N ARG A 392 18.28 -1.32 -10.36
CA ARG A 392 18.92 -1.26 -9.06
C ARG A 392 19.79 -0.02 -8.97
N VAL A 393 19.95 0.50 -7.76
CA VAL A 393 20.85 1.62 -7.57
C VAL A 393 22.27 1.12 -7.27
N ASP A 394 22.38 0.12 -6.39
CA ASP A 394 23.64 -0.55 -6.09
C ASP A 394 23.50 -2.01 -6.51
N ASP A 395 24.29 -2.44 -7.49
CA ASP A 395 24.06 -3.74 -8.11
C ASP A 395 24.66 -4.91 -7.33
N ASP A 396 25.20 -4.69 -6.14
CA ASP A 396 25.61 -5.79 -5.28
C ASP A 396 24.69 -5.97 -4.08
N SER A 397 23.62 -5.19 -4.00
CA SER A 397 22.66 -5.28 -2.91
C SER A 397 21.30 -5.69 -3.45
N ASP A 398 20.51 -6.34 -2.61
CA ASP A 398 19.19 -6.71 -3.06
C ASP A 398 18.28 -5.49 -3.03
N ILE A 399 17.13 -5.62 -3.67
CA ILE A 399 16.05 -4.63 -3.58
C ILE A 399 15.21 -5.06 -2.39
N GLY A 400 14.14 -4.33 -2.12
CA GLY A 400 13.29 -4.68 -0.99
C GLY A 400 12.23 -5.69 -1.38
N THR A 401 11.02 -5.51 -0.85
CA THR A 401 9.90 -6.35 -1.26
C THR A 401 9.63 -6.18 -2.75
N SER A 402 9.09 -7.24 -3.36
CA SER A 402 8.60 -7.16 -4.73
C SER A 402 7.71 -8.37 -4.98
N GLY A 403 6.83 -8.24 -5.96
CA GLY A 403 5.98 -9.33 -6.38
C GLY A 403 6.64 -10.35 -7.27
N ILE A 404 7.95 -10.30 -7.43
CA ILE A 404 8.71 -11.28 -8.19
C ILE A 404 9.59 -12.04 -7.22
N ASN A 405 9.52 -13.37 -7.25
CA ASN A 405 10.23 -14.21 -6.30
C ASN A 405 11.34 -14.94 -7.06
N ALA A 406 12.42 -14.22 -7.33
CA ALA A 406 13.56 -14.79 -8.03
C ALA A 406 14.77 -13.95 -7.65
N ALA A 407 15.94 -14.59 -7.69
CA ALA A 407 17.16 -13.94 -7.21
C ALA A 407 17.73 -13.01 -8.26
N LEU A 408 18.34 -11.93 -7.78
CA LEU A 408 19.05 -10.99 -8.64
C LEU A 408 20.50 -11.43 -8.78
N GLN A 409 21.02 -11.31 -9.98
CA GLN A 409 22.40 -11.69 -10.22
C GLN A 409 23.31 -10.53 -9.85
N PRO A 410 24.40 -10.76 -9.12
CA PRO A 410 25.27 -9.65 -8.70
C PRO A 410 25.88 -8.93 -9.89
N GLY A 411 26.03 -7.61 -9.73
CA GLY A 411 26.64 -6.80 -10.74
C GLY A 411 25.73 -6.32 -11.85
N GLU A 412 24.42 -6.53 -11.74
CA GLU A 412 23.50 -6.17 -12.82
C GLU A 412 22.41 -5.22 -12.32
N LYS A 413 22.33 -4.05 -12.95
CA LYS A 413 21.39 -3.02 -12.55
C LYS A 413 20.00 -3.20 -13.17
N ASP A 414 19.90 -3.84 -14.33
CA ASP A 414 18.68 -3.84 -15.13
C ASP A 414 17.66 -4.79 -14.50
N ILE A 415 16.73 -4.23 -13.72
CA ILE A 415 15.73 -5.09 -13.09
C ILE A 415 14.68 -5.51 -14.11
N GLY A 416 14.12 -4.55 -14.82
CA GLY A 416 13.27 -4.89 -15.95
C GLY A 416 12.30 -3.77 -16.27
N GLN A 417 11.27 -4.14 -17.04
CA GLN A 417 10.26 -3.22 -17.51
C GLN A 417 8.88 -3.80 -17.23
N GLU A 418 7.90 -2.91 -17.22
CA GLU A 418 6.54 -3.33 -16.94
C GLU A 418 5.54 -2.47 -17.68
N LEU A 419 4.47 -3.12 -18.13
CA LEU A 419 3.34 -2.49 -18.79
C LEU A 419 2.10 -2.89 -18.00
N ASP A 420 1.39 -1.88 -17.47
CA ASP A 420 0.18 -2.12 -16.72
C ASP A 420 -1.02 -1.49 -17.41
N LEU A 421 -2.17 -2.14 -17.26
CA LEU A 421 -3.43 -1.64 -17.77
C LEU A 421 -4.48 -1.82 -16.69
N VAL A 422 -5.15 -0.73 -16.34
CA VAL A 422 -6.30 -0.75 -15.45
C VAL A 422 -7.47 -0.17 -16.23
N VAL A 423 -8.61 -0.85 -16.18
CA VAL A 423 -9.82 -0.40 -16.86
C VAL A 423 -10.98 -0.69 -15.94
N THR A 424 -11.84 0.32 -15.72
CA THR A 424 -12.89 0.23 -14.72
C THR A 424 -14.18 0.81 -15.24
N LYS A 425 -15.28 0.08 -15.02
CA LYS A 425 -16.61 0.65 -15.14
C LYS A 425 -17.24 0.74 -13.76
N TYR A 426 -17.75 1.91 -13.42
CA TYR A 426 -18.53 2.12 -12.21
C TYR A 426 -20.00 2.14 -12.58
N PHE A 427 -20.85 1.62 -11.68
CA PHE A 427 -22.27 1.64 -12.00
C PHE A 427 -23.14 1.56 -10.75
N LYS A 428 -24.46 1.48 -11.00
CA LYS A 428 -25.54 1.42 -10.02
C LYS A 428 -25.50 2.56 -9.02
N TYR A 439 -23.44 8.77 -16.54
CA TYR A 439 -24.88 8.68 -16.31
C TYR A 439 -25.19 8.33 -14.86
N VAL A 440 -24.22 7.75 -14.13
CA VAL A 440 -24.43 7.43 -12.72
C VAL A 440 -23.84 8.57 -11.88
N ASP A 441 -24.68 9.12 -11.00
CA ASP A 441 -24.24 10.17 -10.09
C ASP A 441 -23.16 9.68 -9.14
N GLU A 442 -23.51 8.72 -8.29
CA GLU A 442 -22.56 8.11 -7.35
C GLU A 442 -22.64 6.61 -7.53
N PRO A 443 -21.65 5.98 -8.13
CA PRO A 443 -21.72 4.52 -8.34
C PRO A 443 -21.67 3.77 -7.02
N SER A 444 -22.28 2.60 -7.02
CA SER A 444 -22.29 1.69 -5.89
C SER A 444 -21.63 0.36 -6.22
N ALA A 445 -21.20 0.16 -7.46
CA ALA A 445 -20.55 -1.08 -7.87
C ALA A 445 -19.54 -0.75 -8.95
N LEU A 446 -18.60 -1.66 -9.15
CA LEU A 446 -17.64 -1.48 -10.22
C LEU A 446 -17.18 -2.84 -10.71
N ILE A 447 -16.68 -2.85 -11.93
CA ILE A 447 -16.04 -4.01 -12.52
C ILE A 447 -14.74 -3.50 -13.10
N ARG A 448 -13.66 -4.20 -12.85
CA ARG A 448 -12.34 -3.66 -13.11
C ARG A 448 -11.46 -4.78 -13.62
N PHE A 449 -10.68 -4.45 -14.65
CA PHE A 449 -9.56 -5.27 -15.04
C PHE A 449 -8.30 -4.54 -14.59
N ARG A 450 -7.38 -5.29 -13.98
CA ARG A 450 -6.16 -4.77 -13.40
C ARG A 450 -5.07 -5.73 -13.83
N GLY A 451 -4.13 -5.30 -14.64
CA GLY A 451 -3.14 -6.22 -15.17
C GLY A 451 -1.77 -5.59 -15.33
N GLY A 452 -0.75 -6.39 -15.11
CA GLY A 452 0.61 -5.98 -15.34
C GLY A 452 1.41 -7.07 -16.02
N LEU A 453 2.25 -6.65 -16.95
CA LEU A 453 3.14 -7.53 -17.70
C LEU A 453 4.55 -7.07 -17.35
N PHE A 454 5.34 -7.97 -16.78
CA PHE A 454 6.68 -7.65 -16.31
C PHE A 454 7.69 -8.38 -17.19
N LYS A 455 8.61 -7.64 -17.77
CA LYS A 455 9.66 -8.21 -18.61
C LYS A 455 10.96 -8.15 -17.84
N PRO A 456 11.44 -9.27 -17.30
CA PRO A 456 12.65 -9.19 -16.45
C PRO A 456 13.85 -8.78 -17.27
N GLY A 457 14.73 -8.00 -16.63
CA GLY A 457 15.96 -7.58 -17.25
C GLY A 457 17.12 -8.49 -16.85
N ASP A 458 18.33 -8.02 -17.17
CA ASP A 458 19.49 -8.88 -17.02
C ASP A 458 19.77 -9.23 -15.57
N ALA A 459 19.28 -8.45 -14.61
CA ALA A 459 19.54 -8.74 -13.21
C ALA A 459 18.94 -10.08 -12.78
N TYR A 460 18.00 -10.62 -13.54
CA TYR A 460 17.46 -11.92 -13.21
C TYR A 460 18.18 -13.06 -13.91
N GLY A 461 19.11 -12.77 -14.80
CA GLY A 461 20.00 -13.78 -15.31
C GLY A 461 19.36 -14.68 -16.34
N PRO A 462 20.08 -15.71 -16.76
CA PRO A 462 19.55 -16.64 -17.76
C PRO A 462 18.67 -17.72 -17.14
N GLY A 463 17.87 -18.34 -18.01
CA GLY A 463 16.90 -19.32 -17.58
C GLY A 463 15.61 -18.74 -17.04
N THR A 464 15.49 -17.41 -17.03
CA THR A 464 14.27 -16.78 -16.56
C THR A 464 13.21 -16.80 -17.65
N ASP A 465 11.95 -16.83 -17.23
CA ASP A 465 10.87 -16.54 -18.16
C ASP A 465 11.13 -15.17 -18.77
N SER A 466 10.80 -15.01 -20.06
CA SER A 466 10.97 -13.72 -20.70
C SER A 466 9.91 -12.72 -20.28
N THR A 467 8.77 -13.21 -19.77
CA THR A 467 7.70 -12.35 -19.30
C THR A 467 7.02 -13.04 -18.12
N MET A 468 6.38 -12.24 -17.30
CA MET A 468 5.46 -12.75 -16.31
C MET A 468 4.32 -11.76 -16.29
N HIS A 469 3.20 -12.20 -15.73
CA HIS A 469 2.06 -11.31 -15.61
C HIS A 469 1.32 -11.63 -14.32
N ARG A 470 0.58 -10.61 -13.88
CA ARG A 470 -0.36 -10.71 -12.77
C ARG A 470 -1.57 -9.90 -13.23
N ALA A 471 -2.72 -10.53 -13.30
CA ALA A 471 -3.91 -9.84 -13.77
C ALA A 471 -5.10 -10.20 -12.90
N PHE A 472 -5.98 -9.24 -12.74
CA PHE A 472 -7.14 -9.38 -11.89
C PHE A 472 -8.36 -8.89 -12.66
N VAL A 473 -9.48 -9.53 -12.42
CA VAL A 473 -10.79 -8.95 -12.65
C VAL A 473 -11.48 -8.89 -11.30
N ASP A 474 -11.93 -7.70 -10.92
CA ASP A 474 -12.65 -7.50 -9.66
C ASP A 474 -14.06 -7.01 -9.97
N PHE A 475 -15.06 -7.69 -9.40
CA PHE A 475 -16.42 -7.18 -9.31
C PHE A 475 -16.62 -6.73 -7.86
N ILE A 476 -16.92 -5.46 -7.63
CA ILE A 476 -17.16 -4.97 -6.28
C ILE A 476 -18.56 -4.37 -6.22
N TRP A 477 -19.33 -4.75 -5.20
CA TRP A 477 -20.65 -4.18 -4.94
C TRP A 477 -20.70 -3.71 -3.50
N ARG A 478 -21.19 -2.50 -3.27
CA ARG A 478 -21.40 -1.99 -1.92
C ARG A 478 -22.91 -1.86 -1.71
N PHE A 479 -23.42 -2.53 -0.67
CA PHE A 479 -24.83 -2.50 -0.29
C PHE A 479 -25.02 -1.83 1.09
C1 LH9 B . 2.26 4.73 -21.83
C10 LH9 B . 2.09 15.20 -22.61
C11 LH9 B . 0.70 15.63 -23.03
C12 LH9 B . 0.77 17.04 -23.60
C13 LH9 B . -0.14 17.04 -24.83
C14 LH9 B . -0.11 18.42 -25.46
C15 LH9 B . -1.54 18.94 -25.50
C16 LH9 B . -2.00 18.97 -26.95
C17 LH9 B . -2.31 20.42 -27.33
C18 LH9 B . -3.33 21.99 -28.68
C19 LH9 B . -4.43 22.35 -27.70
C2 LH9 B . 1.88 6.08 -22.43
C20 LH9 B . -5.13 23.61 -28.21
C3 LH9 B . 2.75 7.17 -21.81
C4 LH9 B . 2.50 8.58 -22.38
C5 LH9 B . 3.17 9.59 -21.45
C6 LH9 B . 3.20 11.01 -22.04
C7 LH9 B . 3.62 12.01 -20.94
C8 LH9 B . 3.44 13.46 -21.39
C9 LH9 B . 2.03 13.93 -21.76
O1 LH9 B . -1.99 21.33 -26.61
O2 LH9 B . -2.97 20.65 -28.51
O3 LH9 B . -3.89 22.59 -26.43
O4 LH9 B . -6.49 23.55 -27.91
H1 LH9 B . 1.93 4.69 -20.80
H3 LH9 B . 1.80 3.93 -22.40
H2 LH9 B . 3.34 4.61 -21.87
H19 LH9 B . 2.56 15.99 -22.03
H18 LH9 B . 2.69 15.00 -23.50
H20 LH9 B . 0.04 15.62 -22.16
H21 LH9 B . 0.31 14.96 -23.78
H23 LH9 B . 0.40 17.76 -22.87
H22 LH9 B . 1.78 17.29 -23.88
H24 LH9 B . -1.15 16.79 -24.54
H25 LH9 B . 0.23 16.31 -25.54
H27 LH9 B . 0.51 19.09 -24.87
H26 LH9 B . 0.29 18.36 -26.47
H29 LH9 B . -2.18 18.29 -24.93
H28 LH9 B . -1.57 19.94 -25.09
H30 LH9 B . -2.89 18.36 -27.06
H31 LH9 B . -1.22 18.58 -27.59
H32 LH9 B . -3.70 22.14 -29.70
H33 LH9 B . -2.47 22.62 -28.52
H34 LH9 B . -5.13 21.53 -27.61
H5 LH9 B . 2.04 6.06 -23.51
H4 LH9 B . 0.84 6.29 -22.23
H36 LH9 B . -4.70 24.48 -27.72
H35 LH9 B . -4.99 23.69 -29.27
H7 LH9 B . 2.55 7.20 -20.74
H6 LH9 B . 3.79 6.92 -21.98
H8 LH9 B . 1.43 8.77 -22.43
H9 LH9 B . 2.93 8.65 -23.37
H11 LH9 B . 2.62 9.62 -20.51
H10 LH9 B . 4.19 9.28 -21.26
H13 LH9 B . 3.91 11.06 -22.85
H12 LH9 B . 2.21 11.27 -22.39
H15 LH9 B . 3.01 11.83 -20.06
H14 LH9 B . 4.67 11.85 -20.70
H39 LH9 B . 4.06 13.62 -22.26
H17 LH9 B . 1.44 14.10 -20.87
H37 LH9 B . -4.42 22.17 -25.77
H38 LH9 B . -6.88 24.40 -28.03
C1 LH9 C . -11.08 -0.98 20.95
C10 LH9 C . -20.78 -2.00 16.63
C11 LH9 C . -21.45 -0.65 16.56
C12 LH9 C . -21.92 -0.33 17.99
C13 LH9 C . -23.17 -1.13 18.33
C14 LH9 C . -24.39 -0.33 17.93
C15 LH9 C . -25.17 0.02 19.19
C16 LH9 C . -26.64 -0.32 18.95
C17 LH9 C . -27.08 0.73 17.95
C18 LH9 C . -27.50 3.04 17.68
C19 LH9 C . -26.79 3.29 16.37
C2 LH9 C . -11.79 -1.50 19.71
C20 LH9 C . -26.71 4.80 16.19
C3 LH9 C . -13.29 -1.27 19.93
C4 LH9 C . -14.04 -2.17 18.96
C5 LH9 C . -15.49 -1.73 18.98
C6 LH9 C . -16.22 -2.52 17.90
C7 LH9 C . -17.62 -1.93 17.87
C8 LH9 C . -18.43 -2.75 16.88
C9 LH9 C . -19.38 -1.88 16.07
O1 LH9 C . -27.62 0.44 16.94
O2 LH9 C . -26.77 2.04 18.32
O3 LH9 C . -27.52 2.69 15.35
O4 LH9 C . -25.95 5.10 15.05
H1 LH9 C . -11.42 0.03 21.16
H3 LH9 C . -11.31 -1.62 21.79
H2 LH9 C . -10.02 -0.98 20.78
H19 LH9 C . -21.34 -2.72 16.03
H18 LH9 C . -20.74 -2.35 17.66
H20 LH9 C . -22.31 -0.68 15.89
H21 LH9 C . -20.76 0.10 16.22
H23 LH9 C . -21.13 -0.56 18.69
H22 LH9 C . -22.15 0.74 18.05
H24 LH9 C . -23.19 -1.33 19.40
H25 LH9 C . -23.15 -2.07 17.79
H27 LH9 C . -24.09 0.57 17.41
H26 LH9 C . -25.02 -0.92 17.26
H29 LH9 C . -24.78 -0.55 20.03
H28 LH9 C . -25.06 1.08 19.40
H30 LH9 C . -27.21 -0.24 19.86
H31 LH9 C . -26.74 -1.32 18.54
H32 LH9 C . -27.51 3.93 18.29
H33 LH9 C . -28.51 2.70 17.51
H34 LH9 C . -25.79 2.88 16.35
H5 LH9 C . -11.45 -0.96 18.84
H4 LH9 C . -11.59 -2.56 19.59
H36 LH9 C . -27.71 5.21 16.08
H35 LH9 C . -26.24 5.24 17.07
H7 LH9 C . -13.56 -1.52 20.94
H6 LH9 C . -13.53 -0.23 19.72
H8 LH9 C . -13.96 -3.21 19.28
H9 LH9 C . -13.63 -2.07 17.96
H11 LH9 C . -15.93 -1.96 19.95
H10 LH9 C . -15.56 -0.68 18.78
H13 LH9 C . -15.74 -2.38 16.94
H12 LH9 C . -16.26 -3.58 18.15
H15 LH9 C . -18.07 -1.99 18.86
H14 LH9 C . -17.59 -0.89 17.55
H39 LH9 C . -17.76 -3.29 16.22
H17 LH9 C . -19.05 -0.84 16.07
H37 LH9 C . -28.38 3.07 15.32
H38 LH9 C . -26.15 5.99 14.79
OH2 1PE D . 23.90 -8.91 7.55
C12 1PE D . 24.60 -7.84 6.97
C22 1PE D . 25.26 -7.03 8.07
OH3 1PE D . 24.97 -5.66 7.94
C13 1PE D . 25.23 -3.43 8.86
C23 1PE D . 25.24 -4.94 9.12
OH4 1PE D . 23.99 -3.04 8.32
C14 1PE D . 22.23 -1.45 8.11
C24 1PE D . 23.37 -1.97 8.98
OH5 1PE D . 21.51 -2.50 7.52
C15 1PE D . 20.21 -3.40 5.73
C25 1PE D . 21.17 -2.30 6.18
OH6 1PE D . 20.82 -4.23 4.79
C16 1PE D . 21.96 -3.51 2.82
C26 1PE D . 20.62 -3.91 3.44
OH7 1PE D . 22.11 -4.12 1.57
H121 1PE D . 23.91 -7.22 6.40
H122 1PE D . 25.36 -8.24 6.29
H221 1PE D . 26.34 -7.16 8.00
H222 1PE D . 24.92 -7.38 9.04
H131 1PE D . 26.02 -3.17 8.17
H132 1PE D . 25.38 -2.90 9.81
H231 1PE D . 26.23 -5.22 9.48
H232 1PE D . 24.50 -5.18 9.86
H141 1PE D . 22.64 -0.82 7.32
H142 1PE D . 21.56 -0.86 8.72
H241 1PE D . 24.09 -1.18 9.15
H242 1PE D . 22.98 -2.31 9.92
H151 1PE D . 19.32 -2.94 5.29
H152 1PE D . 19.91 -3.99 6.60
H251 1PE D . 22.07 -2.33 5.57
H252 1PE D . 20.69 -1.34 6.06
H161 1PE D . 22.77 -3.82 3.47
H162 1PE D . 21.99 -2.44 2.69
H261 1PE D . 19.93 -3.08 3.37
H262 1PE D . 20.22 -4.78 2.91
HO7 1PE D . 22.97 -4.52 1.52
C1 LH9 E . -6.08 -14.33 17.88
C10 LH9 E . -4.13 -10.64 20.38
C11 LH9 E . -4.17 -9.29 21.12
C12 LH9 E . -5.30 -8.39 20.57
C13 LH9 E . -5.39 -7.00 21.23
C14 LH9 E . -6.44 -6.09 20.57
C15 LH9 E . -5.99 -4.61 20.60
C16 LH9 E . -6.76 -3.64 19.70
C17 LH9 E . -6.48 -2.18 20.15
C18 LH9 E . -4.24 -1.39 20.21
C19 LH9 E . -3.41 -0.10 20.17
C2 LH9 E . -5.53 -15.61 17.22
C20 LH9 E . -1.96 -0.46 19.81
C3 LH9 E . -4.20 -15.33 16.50
C4 LH9 E . -3.34 -14.47 17.40
C5 LH9 E . -1.92 -14.21 16.91
C6 LH9 E . -0.99 -14.20 18.15
C7 LH9 E . -1.23 -13.12 19.23
C8 LH9 E . -2.66 -12.64 19.55
C9 LH9 E . -2.76 -11.33 20.37
O1 LH9 E . -7.11 -1.74 21.05
O2 LH9 E . -5.50 -1.37 19.55
O3 LH9 E . -3.90 0.82 19.24
O4 LH9 E . -1.14 0.68 19.68
H1 LH9 E . -7.12 -14.46 18.12
H3 LH9 E . -5.52 -14.13 18.80
H2 LH9 E . -5.96 -13.49 17.21
H19 LH9 E . -4.85 -11.31 20.85
H18 LH9 E . -4.44 -10.47 19.35
H20 LH9 E . -3.22 -8.80 21.00
H21 LH9 E . -4.36 -9.48 22.18
H23 LH9 E . -6.25 -8.89 20.71
H22 LH9 E . -5.13 -8.25 19.51
H24 LH9 E . -5.64 -7.13 22.27
H25 LH9 E . -4.42 -6.52 21.15
H27 LH9 E . -7.38 -6.18 21.11
H26 LH9 E . -6.60 -6.39 19.55
H29 LH9 E . -4.93 -4.59 20.30
H28 LH9 E . -6.07 -4.26 21.63
H30 LH9 E . -7.83 -3.85 19.78
H31 LH9 E . -6.44 -3.77 18.67
H32 LH9 E . -4.43 -1.63 21.25
H33 LH9 E . -3.65 -2.18 19.77
H34 LH9 E . -3.48 0.36 21.15
H5 LH9 E . -6.25 -15.98 16.51
H4 LH9 E . -5.36 -16.35 17.99
H36 LH9 E . -1.56 -1.10 20.59
H35 LH9 E . -1.96 -0.99 18.87
H7 LH9 E . -3.69 -16.27 16.29
H6 LH9 E . -4.39 -14.81 15.56
H8 LH9 E . -3.84 -13.51 17.52
H9 LH9 E . -3.28 -14.96 18.37
H11 LH9 E . -1.87 -13.25 16.41
H10 LH9 E . -1.61 -14.99 16.23
H13 LH9 E . -1.09 -15.17 18.63
H12 LH9 E . 0.02 -14.08 17.78
H15 LH9 E . -0.67 -12.25 18.93
H14 LH9 E . -0.83 -13.52 20.16
H39 LH9 E . -3.17 -13.42 20.09
H17 LH9 E . -2.50 -11.56 21.39
H37 LH9 E . -4.60 1.32 19.62
H38 LH9 E . -1.62 1.39 19.28
C1 LH9 F . -13.86 -7.99 -17.72
C10 LH9 F . -15.22 0.31 -21.66
C11 LH9 F . -14.28 1.42 -22.12
C12 LH9 F . -14.56 1.73 -23.58
C13 LH9 F . -14.51 3.24 -23.81
C14 LH9 F . -15.67 3.59 -24.73
C15 LH9 F . -16.92 3.61 -23.87
C16 LH9 F . -17.02 5.00 -23.24
C17 LH9 F . -17.96 5.80 -24.12
C18 LH9 F . -19.86 6.06 -22.72
C19 LH9 F . -21.32 5.61 -22.57
C2 LH9 F . -13.31 -6.63 -17.25
C20 LH9 F . -21.84 5.98 -21.18
C3 LH9 F . -14.41 -5.58 -17.36
C4 LH9 F . -13.83 -4.19 -17.12
C5 LH9 F . -14.92 -3.20 -17.52
C6 LH9 F . -14.33 -1.92 -18.10
C7 LH9 F . -15.39 -1.33 -19.03
C8 LH9 F . -15.20 -1.88 -20.44
C9 LH9 F . -14.40 -0.92 -21.32
O1 LH9 F . -17.51 6.54 -24.92
O2 LH9 F . -19.35 5.65 -23.96
O3 LH9 F . -21.45 4.22 -22.72
O4 LH9 F . -22.54 4.88 -20.65
H1 LH9 F . -13.04 -8.64 -17.97
H3 LH9 F . -14.50 -7.84 -18.58
H2 LH9 F . -14.45 -8.43 -16.91
H19 LH9 F . -15.92 0.07 -22.46
H18 LH9 F . -15.77 0.63 -20.79
H20 LH9 F . -14.44 2.31 -21.51
H21 LH9 F . -13.25 1.09 -22.01
H23 LH9 F . -13.81 1.25 -24.20
H22 LH9 F . -15.54 1.37 -23.84
H24 LH9 F . -14.61 3.77 -22.87
H25 LH9 F . -13.57 3.52 -24.27
H27 LH9 F . -15.76 2.83 -25.52
H26 LH9 F . -15.52 4.56 -25.19
H29 LH9 F . -16.85 2.85 -23.10
H28 LH9 F . -17.80 3.42 -24.48
H30 LH9 F . -17.40 4.92 -22.24
H31 LH9 F . -16.04 5.46 -23.23
H32 LH9 F . -19.81 7.14 -22.65
H33 LH9 F . -19.28 5.61 -21.92
H34 LH9 F . -21.89 6.11 -23.34
H5 LH9 F . -12.98 -6.71 -16.23
H4 LH9 F . -12.47 -6.35 -17.88
H36 LH9 F . -22.51 6.83 -21.26
H35 LH9 F . -21.01 6.23 -20.54
H7 LH9 F . -14.85 -5.62 -18.36
H6 LH9 F . -15.17 -5.78 -16.62
H8 LH9 F . -12.94 -4.03 -17.73
H9 LH9 F . -13.57 -4.06 -16.08
H11 LH9 F . -15.50 -2.95 -16.64
H10 LH9 F . -15.57 -3.66 -18.27
H13 LH9 F . -14.09 -1.22 -17.31
H12 LH9 F . -13.42 -2.15 -18.66
H15 LH9 F . -16.38 -1.59 -18.68
H14 LH9 F . -15.29 -0.25 -19.05
H39 LH9 F . -16.16 -2.07 -20.89
H17 LH9 F . -13.47 -0.64 -20.83
H37 LH9 F . -20.79 3.78 -22.20
H38 LH9 F . -22.51 4.92 -19.71
C1 LH9 G . 17.29 11.00 -12.74
C10 LH9 G . 8.83 15.27 -12.17
C11 LH9 G . 8.55 16.75 -12.37
C12 LH9 G . 8.63 17.46 -11.02
C13 LH9 G . 7.25 18.01 -10.64
C14 LH9 G . 7.28 18.52 -9.20
C15 LH9 G . 7.74 19.97 -9.14
C16 LH9 G . 6.51 20.90 -9.17
C17 LH9 G . 6.94 22.37 -9.15
C18 LH9 G . 5.95 24.33 -8.26
C19 LH9 G . 4.51 24.54 -7.82
C2 LH9 G . 16.47 12.20 -12.28
C20 LH9 G . 4.19 26.02 -7.59
C3 LH9 G . 15.37 12.44 -13.30
C4 LH9 G . 14.47 13.56 -12.79
C5 LH9 G . 13.36 13.80 -13.82
C6 LH9 G . 12.01 13.52 -13.17
C7 LH9 G . 10.91 13.34 -14.23
C8 LH9 G . 9.57 13.22 -13.51
C9 LH9 G . 8.75 14.52 -13.50
O1 LH9 G . 8.08 22.65 -9.02
O2 LH9 G . 5.99 23.39 -9.30
O3 LH9 G . 3.64 24.08 -8.83
O4 LH9 G . 2.80 26.23 -7.69
H1 LH9 G . 16.82 10.57 -13.63
H3 LH9 G . 17.31 10.25 -11.95
H2 LH9 G . 18.30 11.30 -12.97
H19 LH9 G . 9.83 15.15 -11.76
H18 LH9 G . 8.11 14.86 -11.47
H20 LH9 G . 9.29 17.18 -13.04
H21 LH9 G . 7.56 16.87 -12.79
H23 LH9 G . 8.95 16.75 -10.26
H22 LH9 G . 9.33 18.27 -11.08
H24 LH9 G . 6.52 17.23 -10.74
H25 LH9 G . 7.01 18.83 -11.31
H27 LH9 G . 7.96 17.90 -8.62
H26 LH9 G . 6.28 18.44 -8.79
H29 LH9 G . 8.36 20.19 -9.99
H28 LH9 G . 8.30 20.14 -8.23
H30 LH9 G . 5.90 20.70 -8.29
H31 LH9 G . 5.93 20.70 -10.06
H32 LH9 G . 6.53 23.98 -7.43
H33 LH9 G . 6.36 25.28 -8.61
H34 LH9 G . 4.37 23.99 -6.89
H5 LH9 G . 17.12 13.08 -12.21
H4 LH9 G . 16.04 12.01 -11.30
H36 LH9 G . 4.71 26.62 -8.33
H35 LH9 G . 4.52 26.30 -6.59
H7 LH9 G . 15.81 12.73 -14.25
H6 LH9 G . 14.79 11.54 -13.43
H8 LH9 G . 15.04 14.48 -12.66
H9 LH9 G . 14.02 13.28 -11.84
H11 LH9 G . 13.40 14.83 -14.16
H10 LH9 G . 13.50 13.13 -14.66
H13 LH9 G . 11.74 14.36 -12.53
H12 LH9 G . 12.08 12.62 -12.57
H15 LH9 G . 11.11 12.44 -14.80
H14 LH9 G . 10.91 14.20 -14.90
H39 LH9 G . 9.74 12.91 -12.49
H17 LH9 G . 9.09 15.17 -14.29
H37 LH9 G . 3.11 24.81 -9.14
H38 LH9 G . 2.63 26.94 -8.28
C1 LH9 H . -23.60 -11.92 4.73
C10 LH9 H . -15.80 -12.07 10.91
C11 LH9 H . -15.41 -13.17 11.91
C12 LH9 H . -13.93 -12.97 12.22
C13 LH9 H . -13.46 -13.71 13.47
C14 LH9 H . -11.92 -13.84 13.40
C15 LH9 H . -11.43 -14.84 14.44
C16 LH9 H . -9.92 -15.08 14.29
C17 LH9 H . -9.54 -16.45 14.88
C18 LH9 H . -8.00 -18.27 15.17
C19 LH9 H . -6.72 -18.84 14.54
C2 LH9 H . -22.73 -13.16 4.71
C20 LH9 H . -6.12 -19.97 15.37
C3 LH9 H . -21.31 -12.84 5.18
C4 LH9 H . -20.67 -14.06 5.83
C5 LH9 H . -19.27 -13.71 6.37
C6 LH9 H . -19.31 -12.95 7.70
C7 LH9 H . -18.06 -12.09 7.87
C8 LH9 H . -17.03 -12.76 8.78
C9 LH9 H . -17.14 -12.39 10.25
O1 LH9 H . -10.31 -17.03 15.57
O2 LH9 H . -8.29 -17.03 14.59
O3 LH9 H . -5.76 -17.83 14.39
O4 LH9 H . -5.43 -19.46 16.48
H1 LH9 H . -24.58 -12.15 4.33
H3 LH9 H . -23.14 -11.14 4.11
H2 LH9 H . -23.71 -11.56 5.75
H19 LH9 H . -15.03 -12.01 10.14
H18 LH9 H . -15.88 -11.12 11.43
H20 LH9 H . -15.58 -14.14 11.49
H21 LH9 H . -15.99 -13.06 12.82
H23 LH9 H . -13.74 -11.91 12.36
H22 LH9 H . -13.35 -13.34 11.38
H24 LH9 H . -13.74 -13.14 14.36
H25 LH9 H . -13.91 -14.69 13.51
H27 LH9 H . -11.48 -12.87 13.59
H26 LH9 H . -11.65 -14.18 12.41
H29 LH9 H . -11.62 -14.45 15.43
H28 LH9 H . -11.94 -15.78 14.31
H30 LH9 H . -9.64 -15.05 13.25
H31 LH9 H . -9.38 -14.30 14.83
H32 LH9 H . -7.84 -18.14 16.24
H33 LH9 H . -8.82 -18.95 15.00
H34 LH9 H . -7.01 -19.24 13.57
H5 LH9 H . -22.69 -13.56 3.70
H4 LH9 H . -23.16 -13.91 5.38
H36 LH9 H . -5.43 -20.54 14.76
H35 LH9 H . -6.91 -20.63 15.72
H7 LH9 H . -21.35 -12.03 5.90
H6 LH9 H . -20.72 -12.53 4.33
H8 LH9 H . -21.29 -14.41 6.64
H9 LH9 H . -20.56 -14.84 5.08
H11 LH9 H . -18.72 -14.63 6.53
H10 LH9 H . -18.75 -13.10 5.64
H13 LH9 H . -19.36 -13.66 8.52
H12 LH9 H . -20.19 -12.32 7.72
H15 LH9 H . -17.61 -11.92 6.89
H14 LH9 H . -18.35 -11.14 8.31
H39 LH9 H . -17.14 -13.85 8.68
H17 LH9 H . -17.63 -13.19 10.78
H37 LH9 H . -4.90 -18.19 14.57
H38 LH9 H . -4.51 -19.51 16.32
S SO4 I . -23.32 6.59 4.97
O1 SO4 I . -22.90 7.59 5.95
O2 SO4 I . -22.57 5.35 5.21
O3 SO4 I . -23.08 7.13 3.63
O4 SO4 I . -24.75 6.33 5.13
C1 C8E J . -1.00 -18.62 -17.67
C2 C8E J . 0.05 -18.37 -18.75
C3 C8E J . -0.53 -17.71 -19.99
C4 C8E J . -1.08 -16.32 -19.65
C5 C8E J . -2.16 -15.85 -20.62
C6 C8E J . -3.42 -15.40 -19.89
C7 C8E J . -3.26 -14.00 -19.31
C8 C8E J . -4.61 -13.29 -19.12
O9 C8E J . -4.39 -11.98 -18.65
C10 C8E J . -3.88 -11.11 -19.65
C11 C8E J . -2.42 -10.74 -19.38
O12 C8E J . -2.31 -9.59 -18.58
C13 C8E J . -2.39 -8.39 -19.32
C14 C8E J . -1.32 -7.38 -18.90
O15 C8E J . -1.71 -6.11 -19.36
C16 C8E J . -1.29 -5.83 -20.68
C17 C8E J . -0.89 -4.36 -20.83
O18 C8E J . -0.61 -4.07 -22.19
C19 C8E J . -1.76 -3.98 -23.02
C20 C8E J . -1.53 -3.00 -24.16
O21 C8E J . -2.72 -2.33 -24.50
H11 C8E J . -1.99 -18.43 -18.07
H12 C8E J . -0.82 -17.95 -16.83
H13 C8E J . -0.93 -19.66 -17.33
H21 C8E J . 0.83 -17.74 -18.34
H22 C8E J . 0.50 -19.32 -19.03
H31 C8E J . 0.24 -17.61 -20.76
H32 C8E J . -1.33 -18.32 -20.40
H41 C8E J . -1.50 -16.35 -18.64
H42 C8E J . -0.26 -15.60 -19.65
H51 C8E J . -1.77 -15.01 -21.20
H52 C8E J . -2.41 -16.65 -21.31
H61 C8E J . -4.26 -15.42 -20.57
H62 C8E J . -3.63 -16.11 -19.07
H71 C8E J . -2.76 -14.06 -18.35
H72 C8E J . -2.65 -13.40 -19.98
H81 C8E J . -5.22 -13.85 -18.40
H82 C8E J . -5.15 -13.26 -20.07
H101 C8E J . -3.95 -11.60 -20.62
H102 C8E J . -4.49 -10.21 -19.69
H111 C8E J . -1.93 -11.58 -18.88
H112 C8E J . -1.91 -10.57 -20.33
H131 C8E J . -2.29 -8.62 -20.38
H132 C8E J . -3.38 -7.95 -19.17
H141 C8E J . -1.21 -7.38 -17.82
H142 C8E J . -0.36 -7.66 -19.33
H161 C8E J . -0.45 -6.47 -20.94
H162 C8E J . -2.10 -6.06 -21.38
H171 C8E J . -1.68 -3.72 -20.48
H172 C8E J . 0.00 -4.16 -20.23
H191 C8E J . -2.01 -4.97 -23.42
H192 C8E J . -2.61 -3.66 -22.43
H201 C8E J . -0.76 -2.28 -23.87
H202 C8E J . -1.16 -3.55 -25.04
HO2 C8E J . -2.51 -1.54 -25.06
C1 LH9 K . -22.96 -11.29 -12.44
C10 LH9 K . -17.82 -16.80 -7.14
C11 LH9 K . -17.40 -17.90 -6.15
C12 LH9 K . -15.94 -18.28 -6.44
C13 LH9 K . -15.28 -18.99 -5.26
C14 LH9 K . -15.73 -20.45 -5.23
C15 LH9 K . -15.07 -21.14 -4.04
C16 LH9 K . -14.84 -22.59 -4.41
C17 LH9 K . -13.91 -23.28 -3.41
C18 LH9 K . -12.95 -25.45 -3.66
C19 LH9 K . -12.00 -26.17 -4.63
C2 LH9 K . -21.87 -12.33 -12.67
C20 LH9 K . -10.74 -25.33 -4.86
C3 LH9 K . -20.54 -11.87 -12.09
C4 LH9 K . -19.48 -12.94 -12.35
C5 LH9 K . -19.07 -13.68 -11.07
C6 LH9 K . -20.18 -14.63 -10.60
C7 LH9 K . -19.57 -15.91 -9.99
C8 LH9 K . -19.85 -15.98 -8.49
C9 LH9 K . -19.17 -17.16 -7.78
O1 LH9 K . -14.05 -23.16 -2.25
O2 LH9 K . -12.89 -24.08 -3.94
O3 LH9 K . -12.65 -26.36 -5.86
O4 LH9 K . -9.64 -26.16 -5.10
H1 LH9 K . -23.88 -11.64 -12.91
H3 LH9 K . -22.66 -10.35 -12.90
H2 LH9 K . -23.12 -11.16 -11.38
H19 LH9 K . -17.08 -16.71 -7.91
H18 LH9 K . -17.92 -15.86 -6.60
H20 LH9 K . -17.48 -17.53 -5.13
H21 LH9 K . -18.03 -18.77 -6.27
H23 LH9 K . -15.92 -18.95 -7.29
H22 LH9 K . -15.38 -17.38 -6.66
H24 LH9 K . -14.20 -18.94 -5.36
H25 LH9 K . -15.58 -18.51 -4.34
H27 LH9 K . -16.81 -20.50 -5.13
H26 LH9 K . -15.42 -20.94 -6.15
H29 LH9 K . -14.12 -20.66 -3.82
H28 LH9 K . -15.72 -21.07 -3.17
H30 LH9 K . -15.79 -23.11 -4.40
H31 LH9 K . -14.40 -22.65 -5.40
H32 LH9 K . -12.63 -25.64 -2.63
H33 LH9 K . -13.96 -25.82 -3.80
H34 LH9 K . -11.72 -27.13 -4.19
H5 LH9 K . -22.16 -13.26 -12.19
H4 LH9 K . -21.75 -12.51 -13.74
H36 LH9 K . -10.91 -24.68 -5.71
H35 LH9 K . -10.55 -24.73 -3.98
H7 LH9 K . -20.23 -10.94 -12.57
H6 LH9 K . -20.64 -11.72 -11.03
H8 LH9 K . -19.88 -13.67 -13.05
H9 LH9 K . -18.60 -12.48 -12.78
H11 LH9 K . -18.17 -14.25 -11.26
H10 LH9 K . -18.88 -12.94 -10.29
H13 LH9 K . -20.79 -14.13 -9.86
H12 LH9 K . -20.80 -14.90 -11.46
H15 LH9 K . -20.02 -16.77 -10.48
H14 LH9 K . -18.50 -15.91 -10.16
H39 LH9 K . -20.92 -16.05 -8.33
H17 LH9 K . -19.84 -17.54 -7.02
H37 LH9 K . -13.49 -26.78 -5.72
H38 LH9 K . -9.07 -25.74 -5.72
C1 CIT L . -12.19 -1.30 -1.33
O1 CIT L . -11.66 -0.26 -1.81
O2 CIT L . -13.44 -1.42 -1.29
C2 CIT L . -11.31 -2.42 -0.76
C3 CIT L . -9.81 -2.06 -0.84
O7 CIT L . -9.41 -1.86 -2.17
C4 CIT L . -9.04 -3.25 -0.23
C5 CIT L . -9.12 -4.45 -1.17
O3 CIT L . -8.32 -4.57 -2.14
O4 CIT L . -9.99 -5.34 -0.97
C6 CIT L . -9.53 -0.81 -0.02
O5 CIT L . -9.94 -0.72 1.17
O6 CIT L . -8.91 0.15 -0.54
H21 CIT L . -11.58 -2.59 0.27
H22 CIT L . -11.48 -3.32 -1.33
HO7 CIT L . -8.59 -2.30 -2.33
H41 CIT L . -9.47 -3.50 0.73
H42 CIT L . -8.00 -2.96 -0.10
C5 PG0 M . 7.87 4.54 3.79
O2 PG0 M . 8.52 5.73 3.44
C4 PG0 M . 8.73 5.91 2.07
C3 PG0 M . 8.17 7.27 1.63
O1 PG0 M . 8.53 7.47 0.29
C2 PG0 M . 9.71 8.19 0.08
C1 PG0 M . 9.57 9.07 -1.17
OTT PG0 M . 10.05 10.36 -0.88
H51 PG0 M . 8.28 4.20 4.72
H52 PG0 M . 6.80 4.71 3.92
H41 PG0 M . 9.79 5.88 1.86
H42 PG0 M . 8.23 5.12 1.52
H31 PG0 M . 8.58 8.06 2.24
H32 PG0 M . 7.08 7.27 1.72
H21 PG0 M . 10.53 7.50 -0.06
H22 PG0 M . 9.91 8.82 0.95
H11 PG0 M . 10.13 8.64 -1.98
H12 PG0 M . 8.52 9.14 -1.44
C1 LH9 N . -1.42 3.95 -30.93
C10 LH9 N . 4.17 0.93 -24.81
C11 LH9 N . 5.00 1.98 -24.09
C12 LH9 N . 6.46 1.54 -24.06
C13 LH9 N . 7.38 2.74 -23.98
C14 LH9 N . 8.85 2.27 -24.04
C15 LH9 N . 9.77 3.32 -23.41
C16 LH9 N . 10.94 3.67 -24.34
C17 LH9 N . 12.24 3.33 -23.63
C18 LH9 N . 14.33 2.30 -23.88
C19 LH9 N . 14.84 1.88 -22.51
C2 LH9 N . -2.66 3.09 -30.67
C20 LH9 N . 16.25 2.37 -22.15
C3 LH9 N . -2.72 2.78 -29.18
C4 LH9 N . -2.07 1.42 -28.90
C5 LH9 N . -1.61 1.34 -27.43
C6 LH9 N . -0.11 1.04 -27.40
C7 LH9 N . 0.46 1.28 -26.00
C8 LH9 N . 1.98 1.21 -26.05
C9 LH9 N . 2.67 1.18 -24.68
O1 LH9 N . 12.70 4.09 -22.84
O2 LH9 N . 12.93 2.15 -23.93
O3 LH9 N . 13.94 2.40 -21.56
O4 LH9 N . 16.80 3.27 -23.06
H1 LH9 N . -0.65 3.70 -30.21
H3 LH9 N . -1.68 5.00 -30.82
H2 LH9 N . -1.06 3.76 -31.94
H19 LH9 N . 4.43 0.95 -25.86
H18 LH9 N . 4.40 -0.04 -24.40
H20 LH9 N . 4.93 2.93 -24.60
H21 LH9 N . 4.63 2.10 -23.07
H23 LH9 N . 6.69 0.97 -24.96
H22 LH9 N . 6.62 0.90 -23.20
H24 LH9 N . 7.21 3.27 -23.04
H25 LH9 N . 7.18 3.41 -24.80
H27 LH9 N . 9.13 2.13 -25.08
H26 LH9 N . 8.94 1.34 -23.51
H29 LH9 N . 9.20 4.22 -23.20
H28 LH9 N . 10.16 2.93 -22.48
H30 LH9 N . 10.90 4.73 -24.56
H31 LH9 N . 10.85 3.10 -25.25
H32 LH9 N . 14.59 3.33 -24.07
H33 LH9 N . 14.78 1.67 -24.64
H34 LH9 N . 14.91 0.80 -22.53
H5 LH9 N . -2.59 2.17 -31.23
H4 LH9 N . -3.55 3.63 -30.97
H36 LH9 N . 16.90 1.50 -22.08
H35 LH9 N . 16.19 2.85 -21.18
H7 LH9 N . -2.21 3.54 -28.62
H6 LH9 N . -3.76 2.74 -28.86
H8 LH9 N . -2.78 0.63 -29.09
H9 LH9 N . -1.21 1.30 -29.55
H11 LH9 N . -1.80 2.29 -26.94
H10 LH9 N . -2.14 0.55 -26.93
H13 LH9 N . 0.05 0.01 -27.69
H12 LH9 N . 0.40 1.70 -28.11
H15 LH9 N . 0.08 0.52 -25.33
H14 LH9 N . 0.15 2.26 -25.65
H39 LH9 N . 2.35 2.05 -26.61
H17 LH9 N . 2.49 2.12 -24.16
H37 LH9 N . 14.07 3.34 -21.48
H38 LH9 N . 16.98 4.09 -22.62
C1 LH9 O . 5.00 16.44 13.17
C10 LH9 O . -0.76 21.39 18.87
C11 LH9 O . -1.83 22.46 18.63
C12 LH9 O . -1.36 23.70 17.83
C13 LH9 O . -2.60 24.19 17.05
C14 LH9 O . -2.39 25.42 16.16
C15 LH9 O . -3.71 26.20 15.95
C16 LH9 O . -4.67 25.47 15.00
C17 LH9 O . -5.45 26.41 14.05
C18 LH9 O . -7.41 25.56 12.91
C19 LH9 O . -7.88 26.41 11.72
C2 LH9 O . 3.68 15.78 13.57
C20 LH9 O . -8.82 25.63 10.79
C3 LH9 O . 3.02 16.39 14.81
C4 LH9 O . 1.55 16.76 14.56
C5 LH9 O . 0.64 16.50 15.77
C6 LH9 O . 0.14 17.81 16.38
C7 LH9 O . -0.50 17.64 17.77
C8 LH9 O . -0.24 18.88 18.64
C9 LH9 O . -1.33 19.97 18.73
O1 LH9 O . -4.86 27.20 13.38
O2 LH9 O . -6.86 26.33 13.96
O3 LH9 O . -6.75 26.80 10.98
O4 LH9 O . -10.05 26.29 10.60
H1 LH9 O . 4.91 16.87 12.18
H3 LH9 O . 5.25 17.22 13.88
H2 LH9 O . 5.80 15.70 13.17
H19 LH9 O . -0.34 21.51 19.86
H18 LH9 O . 0.04 21.53 18.13
H20 LH9 O . -2.17 22.82 19.60
H21 LH9 O . -2.65 22.00 18.11
H23 LH9 O . -0.57 23.41 17.13
H22 LH9 O . -0.99 24.46 18.49
H24 LH9 O . -2.94 23.38 16.41
H25 LH9 O . -3.37 24.42 17.78
H27 LH9 O . -1.67 26.08 16.65
H26 LH9 O . -2.01 25.10 15.20
H29 LH9 O . -3.47 27.18 15.54
H28 LH9 O . -4.20 26.33 16.91
H30 LH9 O . -5.39 24.92 15.60
H31 LH9 O . -4.09 24.78 14.39
H32 LH9 O . -6.67 24.86 12.56
H33 LH9 O . -8.27 25.02 13.30
H34 LH9 O . -8.42 27.26 12.11
H5 LH9 O . 2.99 15.88 12.73
H4 LH9 O . 3.87 14.73 13.77
H36 LH9 O . -9.00 24.65 11.23
H35 LH9 O . -8.33 25.51 9.83
H7 LH9 O . 3.06 15.67 15.62
H6 LH9 O . 3.56 17.28 15.11
H8 LH9 O . 1.50 17.81 14.30
H9 LH9 O . 1.18 16.17 13.72
H11 LH9 O . 1.20 15.94 16.52
H10 LH9 O . -0.21 15.90 15.45
H13 LH9 O . -0.59 18.24 15.72
H12 LH9 O . 0.99 18.49 16.47
H15 LH9 O . -0.06 16.77 18.26
H14 LH9 O . -1.56 17.50 17.66
H39 LH9 O . 0.65 19.37 18.24
H17 LH9 O . -1.96 19.92 17.86
H37 LH9 O . -6.99 26.99 10.08
H38 LH9 O . -9.95 27.22 10.71
NA NA P . -13.78 16.90 16.37
NA NA Q . -5.83 14.73 -12.66
C1 LH9 R . -11.84 -8.22 -21.07
C10 LH9 R . -8.38 -13.36 -14.09
C11 LH9 R . -8.87 -14.67 -14.68
C12 LH9 R . -9.39 -15.60 -13.59
C13 LH9 R . -9.50 -17.01 -14.20
C14 LH9 R . -10.35 -17.84 -13.25
C15 LH9 R . -10.13 -19.35 -13.43
C16 LH9 R . -11.14 -19.98 -12.46
C17 LH9 R . -11.27 -21.50 -12.52
C18 LH9 R . -10.03 -22.83 -11.00
C19 LH9 R . -9.03 -24.00 -11.02
C2 LH9 R . -11.21 -9.03 -22.19
C20 LH9 R . -8.81 -24.58 -9.62
C3 LH9 R . -9.88 -9.59 -21.69
C4 LH9 R . -10.15 -10.64 -20.63
C5 LH9 R . -9.50 -10.27 -19.30
C6 LH9 R . -9.65 -11.45 -18.32
C7 LH9 R . -8.39 -11.46 -17.46
C8 LH9 R . -8.34 -12.74 -16.62
C9 LH9 R . -7.85 -12.44 -15.20
O1 LH9 R . -12.34 -21.97 -12.68
O2 LH9 R . -10.18 -22.36 -12.32
O3 LH9 R . -7.82 -23.53 -11.55
O4 LH9 R . -7.65 -24.07 -9.02
H1 LH9 R . -12.58 -7.53 -21.49
H3 LH9 R . -11.08 -7.65 -20.55
H2 LH9 R . -12.33 -8.88 -20.37
H19 LH9 R . -7.59 -13.56 -13.38
H18 LH9 R . -9.20 -12.86 -13.59
H20 LH9 R . -8.04 -15.15 -15.20
H21 LH9 R . -9.67 -14.46 -15.39
H23 LH9 R . -8.72 -15.61 -12.75
H22 LH9 R . -10.37 -15.27 -13.26
H24 LH9 R . -9.96 -16.95 -15.17
H25 LH9 R . -8.50 -17.44 -14.28
H27 LH9 R . -11.39 -17.61 -13.43
H26 LH9 R . -10.09 -17.57 -12.23
H29 LH9 R . -9.12 -19.62 -13.17
H28 LH9 R . -10.36 -19.65 -14.45
H30 LH9 R . -10.83 -19.71 -11.45
H31 LH9 R . -12.11 -19.56 -12.66
H32 LH9 R . -9.67 -22.04 -10.36
H33 LH9 R . -11.00 -23.18 -10.63
H34 LH9 R . -9.45 -24.79 -11.62
H5 LH9 R . -11.04 -8.40 -23.05
H4 LH9 R . -11.87 -9.85 -22.45
H36 LH9 R . -8.72 -25.66 -9.71
H35 LH9 R . -9.66 -24.34 -9.00
H7 LH9 R . -9.34 -10.04 -22.51
H6 LH9 R . -9.28 -8.79 -21.26
H8 LH9 R . -9.77 -11.60 -20.97
H9 LH9 R . -11.23 -10.72 -20.48
H11 LH9 R . -9.99 -9.40 -18.89
H10 LH9 R . -8.46 -10.07 -19.46
H13 LH9 R . -10.53 -11.30 -17.70
H12 LH9 R . -9.74 -12.37 -18.87
H15 LH9 R . -8.39 -10.60 -16.82
H14 LH9 R . -7.52 -11.43 -18.12
H39 LH9 R . -9.32 -13.20 -16.58
H17 LH9 R . -8.12 -11.43 -14.95
H37 LH9 R . -7.23 -23.27 -10.85
H38 LH9 R . -7.53 -24.49 -8.18
#